data_3FU9
#
_entry.id   3FU9
#
_cell.length_a   174.120
_cell.length_b   60.230
_cell.length_c   117.130
_cell.angle_alpha   90.00
_cell.angle_beta   98.36
_cell.angle_gamma   90.00
#
_symmetry.space_group_name_H-M   'C 1 2 1'
#
loop_
_entity.id
_entity.type
_entity.pdbx_description
1 polymer Laccase-1
2 branched 2-acetamido-2-deoxy-beta-D-glucopyranose-(1-4)-2-acetamido-2-deoxy-beta-D-glucopyranose
3 non-polymer 'COPPER (II) ION'
4 non-polymer 'CHLORIDE ION'
5 non-polymer 2-acetamido-2-deoxy-beta-D-glucopyranose
6 non-polymer 'SULFATE ION'
7 non-polymer 2,6-dimethoxybenzene-1,4-diol
8 water water
#
_entity_poly.entity_id   1
_entity_poly.type   'polypeptide(L)'
_entity_poly.pdbx_seq_one_letter_code
;EPTCNTPSNRACWSDGFDINTDYEVSTPDTGVTQSYVFNLTEVDNWMGPDGVVKEKVMLINGNIMGPNIVANWGDTVEVT
VINNLVTNGTSIHWHGIHQKDTNLHDGANGVTECPIPPKGGQRTYRWRARQYGTSWYHSHFSAQYGNGVVGTIQINGPAS
LPYDIDLGVFPITDYYYRAADDLVHFTQNNAPPFSDNVLINGTAVNPNTGEGQYANVTLTPGKRHRLRILNTSTENHFQV
SLVNHTMTVIAADMVPVNAMTVDSLFLAVGQRYDVVIDASRAPDNYWFNVTFGGQAACGGSLNPHPAAIFHYAGAPGGLP
TDEGTPPVDHQCLDTLDVRPVVPRSVPVNSFVKRPDNTLPVALDLTGTPLFVWKVNGSDINVDWGKPIIDYILTGNTSYP
VSDNIVQVDAVDQWTYWLIENDPEGPFSLPHPMHLHGHDFLVLGRSPDVPAASQQRFVFDPAVDLARLNGDNPPRRDTTM
LPAGGWLLLAFRTDNPGAWLFHCHIAWHVSGGLSVDFLERPADLRQRISQEDEDDFNRVCDEWRAYWPTNPYPKIDSGL
;
_entity_poly.pdbx_strand_id   A,B
#
loop_
_chem_comp.id
_chem_comp.type
_chem_comp.name
_chem_comp.formula
CL non-polymer 'CHLORIDE ION' 'Cl -1'
CU non-polymer 'COPPER (II) ION' 'Cu 2'
KIB non-polymer 2,6-dimethoxybenzene-1,4-diol 'C8 H10 O4'
NAG D-saccharide, beta linking 2-acetamido-2-deoxy-beta-D-glucopyranose 'C8 H15 N O6'
SO4 non-polymer 'SULFATE ION' 'O4 S -2'
#
# COMPACT_ATOMS: atom_id res chain seq x y z
N GLU A 1 -22.13 12.81 40.88
CA GLU A 1 -23.59 12.45 40.82
C GLU A 1 -24.31 13.58 40.05
N PRO A 2 -25.15 13.19 39.09
CA PRO A 2 -26.06 14.14 38.42
C PRO A 2 -27.43 14.32 39.12
N THR A 3 -28.05 15.48 38.82
CA THR A 3 -29.35 15.90 39.37
C THR A 3 -30.44 16.39 38.36
N CYS A 4 -30.04 16.57 37.08
CA CYS A 4 -30.87 17.17 36.02
C CYS A 4 -30.54 16.64 34.60
N ASN A 5 -29.57 15.74 34.54
CA ASN A 5 -29.26 14.95 33.33
C ASN A 5 -30.32 13.87 33.16
N THR A 6 -31.11 13.98 32.07
CA THR A 6 -32.27 13.12 31.75
C THR A 6 -32.36 12.82 30.27
N PRO A 7 -33.07 11.73 29.84
CA PRO A 7 -33.22 11.53 28.40
C PRO A 7 -33.55 12.80 27.64
N SER A 8 -34.38 13.65 28.23
CA SER A 8 -34.74 14.86 27.50
C SER A 8 -33.80 16.00 27.67
N ASN A 9 -32.92 15.97 28.67
CA ASN A 9 -31.93 17.01 28.78
C ASN A 9 -30.57 16.42 29.17
N ARG A 10 -29.68 16.15 28.23
CA ARG A 10 -28.40 15.57 28.54
C ARG A 10 -27.32 16.60 28.74
N ALA A 11 -27.64 17.84 28.36
CA ALA A 11 -26.66 18.91 28.41
C ALA A 11 -26.41 19.38 29.82
N CYS A 12 -27.45 19.38 30.63
CA CYS A 12 -27.32 19.74 32.03
C CYS A 12 -26.70 18.58 32.79
N TRP A 13 -26.06 18.85 33.92
CA TRP A 13 -25.54 17.71 34.72
C TRP A 13 -25.82 17.82 36.21
N SER A 14 -25.23 18.84 36.83
CA SER A 14 -25.55 19.22 38.23
C SER A 14 -25.92 20.70 38.32
N ASP A 15 -26.11 21.20 39.54
CA ASP A 15 -25.97 22.65 39.71
C ASP A 15 -24.56 23.22 39.39
N GLY A 16 -24.56 24.20 38.47
CA GLY A 16 -23.35 24.90 38.00
C GLY A 16 -22.47 24.11 37.04
N PHE A 17 -22.98 22.98 36.60
CA PHE A 17 -22.15 22.07 35.82
C PHE A 17 -23.01 21.62 34.63
N ASP A 18 -22.49 21.85 33.43
CA ASP A 18 -23.12 21.42 32.22
C ASP A 18 -22.21 21.32 31.02
N ILE A 19 -22.90 21.19 29.91
CA ILE A 19 -22.20 20.84 28.65
C ILE A 19 -21.35 21.99 28.24
N ASN A 20 -21.65 23.16 28.80
CA ASN A 20 -21.00 24.42 28.45
C ASN A 20 -19.92 24.77 29.45
N THR A 21 -19.88 24.04 30.58
CA THR A 21 -18.90 24.29 31.61
C THR A 21 -17.55 23.90 31.05
N ASP A 22 -16.58 24.76 31.18
CA ASP A 22 -15.24 24.40 30.82
C ASP A 22 -14.58 23.43 31.75
N TYR A 23 -14.68 22.13 31.40
CA TYR A 23 -14.28 20.98 32.28
C TYR A 23 -12.79 21.00 32.65
N GLU A 24 -11.98 21.75 31.91
CA GLU A 24 -10.52 21.78 32.16
C GLU A 24 -10.21 22.82 33.25
N VAL A 25 -11.17 23.69 33.54
CA VAL A 25 -10.96 24.66 34.63
C VAL A 25 -11.96 24.59 35.78
N SER A 26 -12.99 23.77 35.65
CA SER A 26 -13.98 23.59 36.68
C SER A 26 -14.40 22.11 36.76
N THR A 27 -14.28 21.42 37.91
CA THR A 27 -14.71 20.00 38.10
C THR A 27 -15.68 19.92 39.21
N PRO A 28 -16.61 18.95 39.13
CA PRO A 28 -17.41 18.61 40.32
C PRO A 28 -16.70 18.04 41.53
N ASP A 29 -17.13 18.49 42.70
CA ASP A 29 -16.83 17.79 43.97
C ASP A 29 -18.00 16.87 44.45
N THR A 30 -17.85 15.60 44.10
CA THR A 30 -18.79 14.57 44.44
C THR A 30 -18.43 13.82 45.73
N GLY A 31 -17.15 13.79 46.06
CA GLY A 31 -16.61 13.08 47.22
C GLY A 31 -16.51 11.56 47.10
N VAL A 32 -16.78 11.06 45.90
CA VAL A 32 -17.05 9.67 45.69
C VAL A 32 -15.78 9.07 45.06
N THR A 33 -15.32 7.93 45.53
CA THR A 33 -14.21 7.19 44.83
C THR A 33 -14.66 5.87 44.30
N GLN A 34 -14.40 5.64 42.99
CA GLN A 34 -14.60 4.27 42.45
C GLN A 34 -13.35 3.51 42.50
N SER A 35 -13.45 2.41 43.25
CA SER A 35 -12.27 1.60 43.40
C SER A 35 -12.22 0.36 42.48
N TYR A 36 -11.00 -0.10 42.17
CA TYR A 36 -10.83 -1.15 41.20
C TYR A 36 -9.48 -1.79 41.60
N VAL A 37 -9.37 -3.12 41.34
CA VAL A 37 -8.11 -3.93 41.38
C VAL A 37 -7.92 -4.57 39.97
N PHE A 38 -6.65 -4.60 39.51
CA PHE A 38 -6.25 -5.25 38.27
C PHE A 38 -5.20 -6.29 38.58
N ASN A 39 -5.62 -7.53 38.51
CA ASN A 39 -4.81 -8.65 38.82
C ASN A 39 -4.47 -9.28 37.49
N LEU A 40 -3.17 -9.27 37.16
CA LEU A 40 -2.72 -9.65 35.81
C LEU A 40 -2.06 -11.01 35.90
N THR A 41 -2.33 -11.85 34.92
CA THR A 41 -1.86 -13.25 34.90
C THR A 41 -1.61 -13.59 33.44
N GLU A 42 -0.59 -14.41 33.25
CA GLU A 42 -0.16 -14.91 31.97
C GLU A 42 -0.87 -16.25 31.78
N VAL A 43 -1.59 -16.40 30.64
CA VAL A 43 -2.28 -17.62 30.26
C VAL A 43 -1.61 -18.15 28.98
N ASP A 44 -1.28 -19.47 28.99
CA ASP A 44 -0.62 -20.17 27.89
C ASP A 44 -1.62 -21.06 27.18
N ASN A 45 -1.54 -21.16 25.87
CA ASN A 45 -2.54 -22.00 25.14
C ASN A 45 -3.98 -21.65 25.43
N TRP A 46 -4.31 -20.36 25.41
CA TRP A 46 -5.68 -19.85 25.69
C TRP A 46 -6.58 -19.90 24.46
N MET A 47 -7.85 -20.33 24.61
CA MET A 47 -8.75 -20.52 23.45
C MET A 47 -9.60 -19.27 23.31
N GLY A 48 -9.28 -18.46 22.29
CA GLY A 48 -9.77 -17.06 22.16
C GLY A 48 -11.23 -17.12 21.67
N PRO A 49 -11.92 -15.94 21.55
CA PRO A 49 -13.32 -15.86 21.19
C PRO A 49 -13.67 -16.37 19.78
N ASP A 50 -12.70 -16.45 18.84
CA ASP A 50 -13.02 -17.03 17.49
C ASP A 50 -12.61 -18.47 17.24
N GLY A 51 -12.20 -19.15 18.29
CA GLY A 51 -12.00 -20.55 18.22
C GLY A 51 -10.51 -20.77 18.45
N VAL A 52 -9.71 -19.89 17.90
CA VAL A 52 -8.27 -20.13 17.79
C VAL A 52 -7.61 -20.01 19.12
N VAL A 53 -6.80 -21.02 19.37
CA VAL A 53 -5.95 -21.06 20.58
C VAL A 53 -4.71 -20.24 20.32
N LYS A 54 -4.46 -19.24 21.18
CA LYS A 54 -3.18 -18.53 21.20
C LYS A 54 -2.02 -19.12 22.08
N GLU A 55 -0.79 -18.99 21.63
CA GLU A 55 0.39 -19.40 22.47
C GLU A 55 0.33 -18.82 23.88
N LYS A 56 0.16 -17.50 24.06
CA LYS A 56 0.13 -16.85 25.36
C LYS A 56 -0.68 -15.57 25.34
N VAL A 57 -1.42 -15.36 26.46
CA VAL A 57 -2.19 -14.11 26.69
C VAL A 57 -1.83 -13.50 28.04
N MET A 58 -2.01 -12.17 28.17
CA MET A 58 -1.81 -11.41 29.41
C MET A 58 -3.07 -10.69 29.78
N LEU A 59 -3.64 -11.18 30.88
CA LEU A 59 -5.06 -11.12 31.18
C LEU A 59 -5.36 -10.43 32.53
N ILE A 60 -6.31 -9.47 32.53
CA ILE A 60 -6.72 -8.75 33.80
C ILE A 60 -7.97 -9.40 34.36
N ASN A 61 -7.80 -9.95 35.56
CA ASN A 61 -8.90 -10.64 36.21
C ASN A 61 -9.47 -11.77 35.32
N GLY A 62 -8.65 -12.24 34.40
CA GLY A 62 -8.90 -13.51 33.68
C GLY A 62 -9.86 -13.45 32.53
N ASN A 63 -10.20 -12.22 32.10
CA ASN A 63 -11.03 -11.96 30.93
C ASN A 63 -10.26 -11.25 29.88
N ILE A 64 -10.94 -11.13 28.75
CA ILE A 64 -10.31 -10.62 27.54
C ILE A 64 -9.91 -9.08 27.59
N MET A 65 -10.77 -8.25 28.19
CA MET A 65 -10.21 -7.02 28.76
C MET A 65 -10.44 -6.84 30.28
N GLY A 66 -9.83 -5.82 30.83
CA GLY A 66 -9.98 -5.60 32.25
C GLY A 66 -11.42 -5.10 32.44
N PRO A 67 -11.74 -4.67 33.68
CA PRO A 67 -12.92 -4.00 34.22
C PRO A 67 -13.21 -2.76 33.44
N ASN A 68 -14.49 -2.60 33.17
CA ASN A 68 -14.93 -1.39 32.53
C ASN A 68 -15.16 -0.41 33.70
N ILE A 69 -14.29 0.59 33.81
CA ILE A 69 -14.45 1.61 34.78
C ILE A 69 -15.57 2.59 34.34
N VAL A 70 -16.32 3.03 35.34
CA VAL A 70 -17.47 3.92 35.17
C VAL A 70 -17.30 4.68 36.46
N ALA A 71 -17.24 6.01 36.34
CA ALA A 71 -17.34 6.95 37.48
C ALA A 71 -18.15 8.06 36.93
N ASN A 72 -18.51 9.06 37.75
CA ASN A 72 -19.16 10.26 37.24
C ASN A 72 -18.10 11.33 37.25
N TRP A 73 -18.31 12.37 36.46
CA TRP A 73 -17.51 13.57 36.44
C TRP A 73 -17.33 14.25 37.82
N GLY A 74 -16.08 14.49 38.20
CA GLY A 74 -15.87 14.92 39.59
C GLY A 74 -15.38 13.83 40.50
N ASP A 75 -15.68 12.58 40.21
CA ASP A 75 -15.22 11.56 41.14
C ASP A 75 -13.69 11.41 41.08
N THR A 76 -13.17 10.48 41.89
CA THR A 76 -11.80 9.98 41.82
C THR A 76 -11.92 8.53 41.40
N VAL A 77 -10.87 7.97 40.73
CA VAL A 77 -10.83 6.61 40.35
C VAL A 77 -9.50 6.09 40.92
N GLU A 78 -9.56 5.01 41.67
CA GLU A 78 -8.37 4.48 42.29
C GLU A 78 -8.28 3.05 41.77
N VAL A 79 -7.10 2.52 41.45
CA VAL A 79 -7.01 1.16 40.88
C VAL A 79 -5.73 0.56 41.51
N THR A 80 -5.87 -0.59 42.15
CA THR A 80 -4.71 -1.28 42.66
C THR A 80 -4.33 -2.35 41.61
N VAL A 81 -3.15 -2.13 41.06
CA VAL A 81 -2.64 -2.98 40.01
C VAL A 81 -1.61 -3.88 40.60
N ILE A 82 -1.96 -5.17 40.56
CA ILE A 82 -1.19 -6.29 41.07
C ILE A 82 -0.84 -7.10 39.85
N ASN A 83 0.48 -7.24 39.68
CA ASN A 83 1.09 -7.93 38.56
C ASN A 83 1.51 -9.37 38.86
N ASN A 84 0.64 -10.32 38.56
CA ASN A 84 0.99 -11.70 38.78
C ASN A 84 1.33 -12.35 37.49
N LEU A 85 1.96 -11.59 36.58
CA LEU A 85 2.69 -12.13 35.40
C LEU A 85 4.06 -12.83 35.72
N VAL A 86 4.52 -13.70 34.84
CA VAL A 86 5.72 -14.50 35.16
C VAL A 86 6.90 -13.57 35.12
N THR A 87 7.23 -12.98 33.95
CA THR A 87 8.48 -12.22 33.76
C THR A 87 8.34 -10.70 33.66
N ASN A 88 7.12 -10.17 33.37
CA ASN A 88 6.96 -8.87 32.75
C ASN A 88 6.68 -7.87 33.78
N GLY A 89 7.26 -6.72 33.53
CA GLY A 89 6.94 -5.54 34.24
C GLY A 89 5.58 -5.15 33.70
N THR A 90 4.91 -4.27 34.43
CA THR A 90 3.70 -3.61 33.86
C THR A 90 3.62 -2.18 34.29
N SER A 91 2.53 -1.48 33.96
CA SER A 91 2.38 -0.09 34.23
C SER A 91 1.20 0.31 33.36
N ILE A 92 0.05 0.67 33.99
CA ILE A 92 -1.26 1.00 33.31
C ILE A 92 -1.37 2.49 32.98
N HIS A 93 -1.50 2.83 31.68
CA HIS A 93 -1.60 4.20 31.26
C HIS A 93 -3.10 4.45 30.97
N TRP A 94 -3.60 5.55 31.48
CA TRP A 94 -5.00 5.93 31.41
C TRP A 94 -5.05 6.91 30.25
N HIS A 95 -5.42 6.38 29.10
CA HIS A 95 -5.50 7.16 27.86
C HIS A 95 -6.67 8.11 27.72
N GLY A 96 -6.38 9.40 27.65
CA GLY A 96 -7.44 10.43 27.55
C GLY A 96 -7.52 11.20 28.83
N ILE A 97 -6.96 10.56 29.85
CA ILE A 97 -6.97 11.05 31.23
C ILE A 97 -5.80 12.01 31.40
N HIS A 98 -6.15 13.31 31.52
CA HIS A 98 -5.15 14.32 31.50
C HIS A 98 -4.10 14.21 32.60
N GLN A 99 -4.40 13.50 33.67
CA GLN A 99 -3.54 13.60 34.87
C GLN A 99 -3.10 15.10 35.28
N LYS A 100 -4.05 16.04 35.34
CA LYS A 100 -3.81 17.42 35.93
C LYS A 100 -3.11 17.34 37.26
N ASP A 101 -1.81 17.61 37.30
CA ASP A 101 -1.10 17.54 38.58
C ASP A 101 -1.09 16.20 39.28
N THR A 102 -1.06 15.11 38.49
CA THR A 102 -0.94 13.77 38.94
C THR A 102 -0.11 13.04 37.95
N ASN A 103 0.82 13.73 37.27
CA ASN A 103 1.77 13.03 36.33
C ASN A 103 2.22 11.65 36.88
N LEU A 104 2.40 11.51 38.21
CA LEU A 104 3.00 10.21 38.72
C LEU A 104 2.09 8.96 38.61
N HIS A 105 0.85 9.20 38.18
CA HIS A 105 -0.20 8.15 38.13
C HIS A 105 -0.47 7.88 36.62
N ASP A 106 0.46 8.34 35.77
CA ASP A 106 0.32 8.27 34.30
C ASP A 106 0.54 6.87 33.70
N GLY A 107 1.47 6.08 34.25
CA GLY A 107 1.67 4.68 33.81
C GLY A 107 2.54 4.50 32.58
N ALA A 108 3.25 5.57 32.26
CA ALA A 108 4.23 5.58 31.18
C ALA A 108 5.55 5.15 31.82
N ASN A 109 5.69 3.85 32.04
CA ASN A 109 6.89 3.28 32.69
C ASN A 109 8.22 3.76 32.04
N GLY A 110 9.29 3.91 32.82
CA GLY A 110 10.46 4.66 32.32
C GLY A 110 10.31 6.19 32.22
N VAL A 111 9.13 6.74 32.43
CA VAL A 111 8.94 8.18 32.21
C VAL A 111 8.44 8.68 33.56
N THR A 112 7.28 8.14 33.99
CA THR A 112 6.56 8.60 35.20
C THR A 112 6.80 7.70 36.40
N GLU A 113 7.32 6.50 36.12
CA GLU A 113 7.39 5.38 37.13
C GLU A 113 8.24 4.21 36.64
N CYS A 114 8.81 3.40 37.56
CA CYS A 114 9.24 2.07 37.20
C CYS A 114 7.97 1.17 37.04
N PRO A 115 8.02 0.16 36.11
CA PRO A 115 6.99 -0.88 36.16
C PRO A 115 6.92 -1.66 37.50
N ILE A 116 5.70 -2.07 37.84
CA ILE A 116 5.47 -2.96 38.96
C ILE A 116 6.20 -4.19 38.60
N PRO A 117 6.96 -4.73 39.54
CA PRO A 117 7.53 -6.06 39.29
C PRO A 117 6.50 -7.24 39.10
N PRO A 118 6.96 -8.26 38.35
CA PRO A 118 6.21 -9.51 38.14
C PRO A 118 6.02 -10.28 39.48
N LYS A 119 5.25 -11.37 39.44
CA LYS A 119 5.15 -12.38 40.49
C LYS A 119 4.76 -11.69 41.79
N GLY A 120 4.10 -10.52 41.66
CA GLY A 120 3.19 -10.04 42.74
C GLY A 120 3.29 -8.58 43.16
N GLY A 121 4.25 -7.85 42.64
CA GLY A 121 4.30 -6.41 42.87
C GLY A 121 2.95 -5.73 42.69
N GLN A 122 2.75 -4.62 43.39
CA GLN A 122 1.51 -3.89 43.33
C GLN A 122 1.73 -2.40 43.49
N ARG A 123 0.71 -1.62 43.09
CA ARG A 123 0.74 -0.19 43.07
C ARG A 123 -0.68 0.35 42.85
N THR A 124 -1.00 1.36 43.62
CA THR A 124 -2.26 2.06 43.54
C THR A 124 -2.05 3.34 42.76
N TYR A 125 -2.93 3.51 41.80
CA TYR A 125 -3.04 4.70 41.06
C TYR A 125 -4.31 5.35 41.46
N ARG A 126 -4.27 6.66 41.47
CA ARG A 126 -5.45 7.44 41.84
C ARG A 126 -5.40 8.77 41.10
N TRP A 127 -6.52 9.06 40.44
CA TRP A 127 -6.64 10.24 39.74
C TRP A 127 -8.09 10.71 39.81
N ARG A 128 -8.25 11.98 39.44
CA ARG A 128 -9.53 12.73 39.46
C ARG A 128 -10.19 12.67 38.13
N ALA A 129 -11.51 12.55 38.10
CA ALA A 129 -12.23 12.64 36.83
C ALA A 129 -12.67 14.09 36.43
N ARG A 130 -11.72 14.79 35.84
CA ARG A 130 -11.86 16.18 35.33
C ARG A 130 -12.27 16.28 33.84
N GLN A 131 -12.70 15.18 33.28
CA GLN A 131 -13.12 15.04 31.90
C GLN A 131 -14.30 14.10 31.99
N TYR A 132 -15.11 14.02 30.97
CA TYR A 132 -16.23 13.05 30.97
C TYR A 132 -16.39 12.64 29.53
N GLY A 133 -16.63 11.38 29.27
CA GLY A 133 -16.52 10.88 27.91
C GLY A 133 -16.06 9.42 28.00
N THR A 134 -15.35 8.98 26.94
CA THR A 134 -15.09 7.57 26.73
C THR A 134 -13.55 7.53 26.57
N SER A 135 -12.82 6.77 27.37
CA SER A 135 -11.40 6.58 26.98
C SER A 135 -11.14 5.22 27.43
N TRP A 136 -9.85 4.95 27.71
CA TRP A 136 -9.46 3.66 28.01
C TRP A 136 -8.08 3.68 28.68
N TYR A 137 -7.62 2.50 29.02
CA TYR A 137 -6.38 2.25 29.78
C TYR A 137 -5.85 0.89 29.18
N HIS A 138 -4.53 0.68 29.21
CA HIS A 138 -3.67 -0.40 28.69
C HIS A 138 -2.20 -0.32 29.27
N SER A 139 -1.42 -1.41 29.22
CA SER A 139 0.03 -1.44 29.54
C SER A 139 0.69 -0.45 28.65
N HIS A 140 1.61 0.28 29.22
CA HIS A 140 2.61 0.86 28.36
C HIS A 140 3.91 0.05 28.45
N PHE A 141 3.86 -1.22 28.86
CA PHE A 141 5.17 -1.94 29.02
C PHE A 141 5.48 -2.52 27.64
N SER A 142 6.36 -1.81 26.92
CA SER A 142 6.63 -2.15 25.55
C SER A 142 5.26 -2.42 24.91
N ALA A 143 5.04 -3.57 24.26
CA ALA A 143 3.73 -3.77 23.55
C ALA A 143 2.78 -4.73 24.28
N GLN A 144 2.78 -4.72 25.59
CA GLN A 144 2.08 -5.78 26.24
C GLN A 144 0.57 -5.58 26.19
N TYR A 145 0.05 -4.43 25.78
CA TYR A 145 -1.44 -4.32 25.86
C TYR A 145 -1.97 -5.12 24.71
N GLY A 146 -1.10 -5.38 23.73
CA GLY A 146 -1.36 -6.29 22.67
C GLY A 146 -1.51 -7.75 23.06
N ASN A 147 -1.15 -8.07 24.31
CA ASN A 147 -1.35 -9.44 24.84
C ASN A 147 -2.65 -9.63 25.60
N GLY A 148 -3.33 -8.52 25.84
CA GLY A 148 -4.58 -8.50 26.58
C GLY A 148 -4.68 -7.47 27.72
N VAL A 149 -3.58 -6.88 28.18
CA VAL A 149 -3.65 -5.90 29.31
C VAL A 149 -4.39 -4.68 28.90
N VAL A 150 -5.75 -4.71 28.91
CA VAL A 150 -6.39 -3.46 28.53
C VAL A 150 -7.87 -3.51 28.79
N GLY A 151 -8.47 -2.32 28.96
CA GLY A 151 -9.92 -2.06 28.97
C GLY A 151 -10.26 -0.59 28.82
N THR A 152 -11.54 -0.26 29.17
CA THR A 152 -12.17 1.01 28.88
C THR A 152 -12.50 1.89 30.16
N ILE A 153 -12.63 3.20 29.98
CA ILE A 153 -13.18 4.15 31.03
C ILE A 153 -14.42 4.83 30.43
N GLN A 154 -15.53 4.92 31.16
CA GLN A 154 -16.73 5.73 30.83
C GLN A 154 -16.88 6.68 32.04
N ILE A 155 -16.69 7.97 32.00
CA ILE A 155 -16.79 8.82 33.17
C ILE A 155 -17.97 9.56 32.70
N ASN A 156 -19.13 9.34 33.35
CA ASN A 156 -20.41 9.88 32.88
C ASN A 156 -20.54 11.39 33.18
N GLY A 157 -21.54 12.05 32.56
CA GLY A 157 -21.59 13.55 32.38
C GLY A 157 -22.56 14.05 31.28
N PRO A 158 -22.58 15.41 31.02
CA PRO A 158 -23.35 15.97 29.96
C PRO A 158 -22.93 15.49 28.54
N ALA A 159 -23.88 15.53 27.64
CA ALA A 159 -23.72 15.19 26.23
C ALA A 159 -24.22 16.31 25.30
N SER A 160 -23.80 16.37 24.05
CA SER A 160 -24.22 17.60 23.33
C SER A 160 -25.50 17.32 22.56
N LEU A 161 -26.24 16.31 23.03
CA LEU A 161 -27.45 15.86 22.38
C LEU A 161 -28.16 15.11 23.41
N PRO A 162 -29.51 15.21 23.40
CA PRO A 162 -30.31 14.28 24.11
C PRO A 162 -30.30 12.87 23.47
N TYR A 163 -30.39 11.87 24.33
CA TYR A 163 -30.39 10.45 23.91
C TYR A 163 -31.10 9.68 25.02
N ASP A 164 -31.74 8.58 24.64
CA ASP A 164 -32.49 7.80 25.56
C ASP A 164 -31.73 6.73 26.24
N ILE A 165 -30.89 5.98 25.50
CA ILE A 165 -30.18 4.79 26.01
C ILE A 165 -28.73 5.02 25.73
N ASP A 166 -27.91 4.75 26.71
CA ASP A 166 -26.44 4.72 26.61
C ASP A 166 -26.12 3.21 26.54
N LEU A 167 -25.79 2.78 25.34
CA LEU A 167 -25.43 1.42 25.07
C LEU A 167 -24.02 1.12 25.72
N GLY A 168 -23.23 2.10 26.02
CA GLY A 168 -22.08 1.79 26.84
C GLY A 168 -21.03 1.47 25.88
N VAL A 169 -19.90 0.98 26.35
CA VAL A 169 -18.73 0.98 25.53
C VAL A 169 -18.82 -0.05 24.40
N PHE A 170 -18.24 0.26 23.25
CA PHE A 170 -18.19 -0.69 22.14
C PHE A 170 -16.75 -0.78 21.61
N PRO A 171 -15.80 -1.38 22.34
CA PRO A 171 -14.44 -1.20 21.85
C PRO A 171 -14.14 -2.12 20.70
N ILE A 172 -13.22 -1.69 19.85
CA ILE A 172 -12.81 -2.46 18.62
C ILE A 172 -11.29 -2.65 18.48
N THR A 173 -10.88 -3.92 18.35
CA THR A 173 -9.46 -4.25 18.32
C THR A 173 -8.99 -5.19 17.28
N ASP A 174 -7.84 -4.84 16.66
CA ASP A 174 -7.17 -5.76 15.76
C ASP A 174 -6.84 -6.97 16.60
N TYR A 175 -6.74 -8.17 16.00
CA TYR A 175 -6.64 -9.38 16.89
C TYR A 175 -5.71 -10.35 16.23
N TYR A 176 -4.44 -10.55 16.74
CA TYR A 176 -3.42 -11.36 16.13
C TYR A 176 -3.25 -12.57 16.97
N TYR A 177 -2.92 -13.68 16.33
CA TYR A 177 -2.72 -14.98 16.99
C TYR A 177 -1.34 -15.06 17.71
N ARG A 178 -0.37 -14.39 17.11
CA ARG A 178 1.01 -14.34 17.66
C ARG A 178 1.11 -13.28 18.69
N ALA A 179 1.87 -13.56 19.73
CA ALA A 179 1.80 -12.77 20.91
C ALA A 179 2.59 -11.51 20.62
N ALA A 180 2.38 -10.49 21.47
CA ALA A 180 2.91 -9.21 21.31
C ALA A 180 4.46 -9.15 21.17
N ASP A 181 5.27 -9.86 21.96
CA ASP A 181 6.74 -9.75 21.68
C ASP A 181 7.13 -10.50 20.40
N ASP A 182 6.31 -11.47 20.01
CA ASP A 182 6.66 -12.12 18.76
C ASP A 182 6.47 -11.07 17.65
N LEU A 183 5.30 -10.41 17.69
CA LEU A 183 5.04 -9.32 16.86
C LEU A 183 6.08 -8.15 16.88
N VAL A 184 6.65 -7.78 18.01
CA VAL A 184 7.70 -6.73 18.00
C VAL A 184 8.96 -7.20 17.23
N HIS A 185 9.56 -8.30 17.65
CA HIS A 185 10.71 -8.83 16.86
C HIS A 185 10.36 -8.97 15.36
N PHE A 186 9.27 -9.65 15.05
CA PHE A 186 8.73 -9.55 13.70
C PHE A 186 8.67 -8.12 13.03
N THR A 187 8.16 -7.07 13.65
CA THR A 187 8.11 -5.80 12.93
C THR A 187 9.40 -4.99 12.96
N GLN A 188 10.35 -5.33 13.83
CA GLN A 188 11.74 -4.84 13.65
C GLN A 188 12.41 -5.05 12.34
N ASN A 189 12.10 -6.16 11.68
CA ASN A 189 12.56 -6.34 10.31
C ASN A 189 11.52 -6.62 9.21
N ASN A 190 10.20 -6.45 9.44
CA ASN A 190 9.27 -6.88 8.44
C ASN A 190 8.03 -6.05 8.49
N ALA A 191 7.35 -5.88 7.35
CA ALA A 191 6.10 -5.11 7.37
C ALA A 191 5.09 -5.70 8.38
N PRO A 192 4.36 -4.82 9.06
CA PRO A 192 3.42 -5.28 10.03
C PRO A 192 2.44 -6.17 9.20
N PRO A 193 1.96 -7.30 9.79
CA PRO A 193 0.93 -8.16 9.14
C PRO A 193 -0.44 -7.50 9.22
N PHE A 194 -1.39 -7.92 8.35
CA PHE A 194 -2.84 -7.83 8.60
C PHE A 194 -3.18 -8.60 9.86
N SER A 195 -4.08 -7.98 10.62
CA SER A 195 -4.58 -8.57 11.88
C SER A 195 -5.28 -9.88 11.54
N ASP A 196 -5.28 -10.84 12.48
CA ASP A 196 -5.83 -12.12 12.05
C ASP A 196 -7.32 -12.05 12.01
N ASN A 197 -7.86 -11.09 12.78
CA ASN A 197 -9.34 -10.82 12.97
C ASN A 197 -9.48 -9.41 13.58
N VAL A 198 -10.72 -8.90 13.61
CA VAL A 198 -10.98 -7.70 14.36
C VAL A 198 -12.07 -8.10 15.36
N LEU A 199 -11.76 -8.09 16.67
CA LEU A 199 -12.82 -8.18 17.68
C LEU A 199 -13.67 -6.90 17.77
N ILE A 200 -14.95 -7.11 17.97
CA ILE A 200 -15.85 -6.05 18.25
C ILE A 200 -16.45 -6.38 19.63
N ASN A 201 -16.35 -5.44 20.57
CA ASN A 201 -16.69 -5.65 21.98
C ASN A 201 -16.41 -7.10 22.42
N GLY A 202 -15.16 -7.56 22.21
CA GLY A 202 -14.73 -8.85 22.73
C GLY A 202 -14.90 -10.05 21.78
N THR A 203 -15.64 -9.84 20.69
CA THR A 203 -16.02 -11.01 19.94
C THR A 203 -16.03 -10.84 18.44
N ALA A 204 -15.89 -11.97 17.74
CA ALA A 204 -15.85 -12.01 16.29
C ALA A 204 -15.96 -13.47 15.79
N VAL A 205 -16.32 -13.68 14.53
CA VAL A 205 -16.47 -15.05 13.95
C VAL A 205 -15.18 -15.35 13.17
N ASN A 206 -14.76 -16.63 13.07
CA ASN A 206 -13.62 -16.98 12.25
C ASN A 206 -14.05 -17.14 10.77
N PRO A 207 -13.56 -16.24 9.93
CA PRO A 207 -14.00 -16.25 8.53
C PRO A 207 -13.53 -17.54 7.81
N ASN A 208 -12.98 -18.50 8.56
CA ASN A 208 -12.42 -19.73 8.01
C ASN A 208 -12.97 -20.99 8.65
N THR A 209 -13.43 -20.91 9.91
CA THR A 209 -14.01 -22.08 10.60
C THR A 209 -15.45 -21.89 11.00
N GLY A 210 -15.87 -20.62 11.03
CA GLY A 210 -17.22 -20.18 11.43
C GLY A 210 -17.43 -20.08 12.95
N GLU A 211 -16.41 -20.46 13.69
CA GLU A 211 -16.51 -20.50 15.15
C GLU A 211 -16.62 -19.07 15.71
N GLY A 212 -17.11 -18.93 16.93
CA GLY A 212 -17.18 -17.64 17.57
C GLY A 212 -18.54 -17.10 17.24
N GLN A 213 -18.74 -15.81 17.48
CA GLN A 213 -20.06 -15.17 17.24
C GLN A 213 -19.83 -13.67 17.04
N TYR A 214 -20.79 -13.02 16.43
CA TYR A 214 -20.73 -11.59 16.15
C TYR A 214 -20.99 -10.80 17.44
N ALA A 215 -20.53 -9.56 17.59
CA ALA A 215 -21.17 -8.68 18.60
C ALA A 215 -22.64 -8.53 18.21
N ASN A 216 -23.55 -8.50 19.20
CA ASN A 216 -25.00 -8.39 18.93
C ASN A 216 -25.63 -7.27 19.79
N VAL A 217 -25.94 -6.12 19.21
CA VAL A 217 -26.49 -4.99 19.96
C VAL A 217 -27.91 -4.79 19.56
N THR A 218 -28.75 -4.66 20.58
CA THR A 218 -30.18 -4.51 20.39
C THR A 218 -30.67 -3.07 20.59
N LEU A 219 -31.17 -2.51 19.52
CA LEU A 219 -31.70 -1.16 19.59
C LEU A 219 -33.17 -1.24 20.03
N THR A 220 -33.61 -0.34 20.92
CA THR A 220 -35.03 -0.20 21.19
C THR A 220 -35.61 0.55 20.03
N PRO A 221 -36.59 -0.03 19.32
CA PRO A 221 -37.14 0.72 18.16
C PRO A 221 -37.55 2.18 18.43
N GLY A 222 -37.12 3.10 17.54
CA GLY A 222 -37.50 4.53 17.63
C GLY A 222 -36.84 5.31 18.75
N LYS A 223 -36.09 4.57 19.57
CA LYS A 223 -35.25 5.22 20.57
C LYS A 223 -33.94 5.71 19.91
N ARG A 224 -33.37 6.81 20.44
CA ARG A 224 -31.94 7.14 20.16
C ARG A 224 -30.96 6.70 21.25
N HIS A 225 -29.74 6.39 20.83
CA HIS A 225 -28.83 5.58 21.56
C HIS A 225 -27.39 6.05 21.46
N ARG A 226 -26.80 6.36 22.61
CA ARG A 226 -25.38 6.58 22.67
C ARG A 226 -24.60 5.31 22.62
N LEU A 227 -23.74 5.20 21.64
CA LEU A 227 -22.84 4.05 21.65
C LEU A 227 -21.48 4.65 21.76
N ARG A 228 -20.60 4.07 22.53
CA ARG A 228 -19.27 4.62 22.67
C ARG A 228 -18.23 3.75 21.97
N ILE A 229 -17.86 4.09 20.75
CA ILE A 229 -17.03 3.21 19.92
C ILE A 229 -15.56 3.59 20.15
N LEU A 230 -14.65 2.63 20.18
CA LEU A 230 -13.16 2.91 20.39
C LEU A 230 -12.38 2.05 19.51
N ASN A 231 -11.13 2.48 19.28
CA ASN A 231 -10.13 1.70 18.64
C ASN A 231 -9.04 1.45 19.64
N THR A 232 -9.06 0.21 20.11
CA THR A 232 -8.05 -0.30 21.02
C THR A 232 -6.87 -1.12 20.37
N SER A 233 -6.63 -0.90 19.06
CA SER A 233 -5.87 -1.84 18.28
C SER A 233 -4.41 -1.59 18.73
N THR A 234 -3.53 -2.55 18.44
CA THR A 234 -2.10 -2.24 18.46
C THR A 234 -1.69 -1.56 17.15
N GLU A 235 -2.47 -1.80 16.07
CA GLU A 235 -2.08 -1.22 14.71
C GLU A 235 -3.20 -0.92 13.73
N ASN A 236 -4.25 -1.75 13.67
CA ASN A 236 -5.34 -1.47 12.73
C ASN A 236 -5.88 -0.10 12.95
N HIS A 237 -6.05 0.66 11.87
CA HIS A 237 -6.99 1.73 11.92
C HIS A 237 -8.28 1.39 11.15
N PHE A 238 -9.38 1.88 11.68
CA PHE A 238 -10.69 1.40 11.20
C PHE A 238 -11.55 2.44 10.71
N GLN A 239 -12.46 1.94 9.86
CA GLN A 239 -13.49 2.75 9.28
C GLN A 239 -14.79 2.08 9.66
N VAL A 240 -15.79 2.81 10.16
CA VAL A 240 -17.03 2.06 10.61
C VAL A 240 -18.30 2.70 10.13
N SER A 241 -19.38 1.92 10.08
CA SER A 241 -20.63 2.34 9.49
C SER A 241 -21.68 1.32 9.89
N LEU A 242 -22.94 1.76 9.80
CA LEU A 242 -24.13 0.96 10.16
C LEU A 242 -25.04 1.00 8.99
N VAL A 243 -25.31 -0.16 8.41
CA VAL A 243 -25.97 -0.28 7.14
C VAL A 243 -27.30 0.38 7.34
N ASN A 244 -27.58 1.42 6.61
CA ASN A 244 -28.99 2.01 6.56
C ASN A 244 -29.34 2.99 7.65
N HIS A 245 -28.27 3.40 8.31
CA HIS A 245 -28.32 4.29 9.43
C HIS A 245 -27.17 5.29 9.40
N THR A 246 -27.43 6.53 9.82
CA THR A 246 -26.41 7.56 10.04
C THR A 246 -25.89 7.45 11.51
N MET A 247 -24.73 8.05 11.85
CA MET A 247 -24.27 8.09 13.26
C MET A 247 -24.04 9.55 13.46
N THR A 248 -24.53 10.14 14.57
CA THR A 248 -24.26 11.55 14.88
C THR A 248 -23.22 11.61 15.97
N VAL A 249 -22.00 12.00 15.63
CA VAL A 249 -20.88 12.06 16.58
C VAL A 249 -21.12 13.19 17.60
N ILE A 250 -21.24 12.88 18.87
CA ILE A 250 -21.29 13.85 19.93
C ILE A 250 -19.95 13.94 20.73
N ALA A 251 -18.92 13.22 20.36
CA ALA A 251 -17.64 13.61 21.04
C ALA A 251 -16.61 12.83 20.39
N ALA A 252 -15.34 13.26 20.52
CA ALA A 252 -14.23 12.59 19.86
C ALA A 252 -13.15 12.51 20.93
N ASP A 253 -12.57 11.36 21.09
CA ASP A 253 -11.81 11.09 22.27
C ASP A 253 -12.80 11.47 23.40
N MET A 254 -12.32 12.13 24.46
CA MET A 254 -13.17 12.64 25.59
C MET A 254 -13.30 14.19 25.53
N VAL A 255 -13.66 14.71 24.35
CA VAL A 255 -13.97 16.14 24.16
C VAL A 255 -15.31 16.21 23.40
N PRO A 256 -16.40 16.65 24.06
CA PRO A 256 -17.78 16.81 23.45
C PRO A 256 -17.71 17.76 22.30
N VAL A 257 -18.46 17.47 21.26
CA VAL A 257 -18.44 18.23 20.02
C VAL A 257 -19.90 18.54 19.62
N ASN A 258 -20.09 19.64 18.94
CA ASN A 258 -21.39 19.88 18.26
C ASN A 258 -21.76 18.64 17.46
N ALA A 259 -23.05 18.28 17.46
CA ALA A 259 -23.70 17.22 16.71
C ALA A 259 -23.27 17.27 15.29
N MET A 260 -22.74 16.16 14.75
CA MET A 260 -22.17 16.07 13.37
C MET A 260 -22.52 14.70 12.85
N THR A 261 -23.58 14.62 12.05
CA THR A 261 -24.14 13.39 11.53
C THR A 261 -23.34 12.86 10.34
N VAL A 262 -23.07 11.55 10.31
CA VAL A 262 -22.18 11.03 9.24
C VAL A 262 -22.60 9.59 8.81
N ASP A 263 -22.21 9.23 7.61
CA ASP A 263 -22.44 7.88 7.14
C ASP A 263 -21.34 6.93 7.67
N SER A 264 -20.12 7.41 7.81
CA SER A 264 -19.15 6.48 8.32
C SER A 264 -18.16 7.26 9.17
N LEU A 265 -17.24 6.56 9.86
CA LEU A 265 -16.20 7.25 10.58
C LEU A 265 -14.89 6.48 10.49
N PHE A 266 -13.75 7.20 10.28
CA PHE A 266 -12.39 6.70 10.57
C PHE A 266 -12.08 6.89 12.05
N LEU A 267 -11.70 5.80 12.74
CA LEU A 267 -11.03 5.99 14.04
C LEU A 267 -9.57 5.48 13.95
N ALA A 268 -8.57 6.30 14.15
CA ALA A 268 -7.25 5.71 14.43
C ALA A 268 -7.19 4.85 15.69
N VAL A 269 -5.94 4.47 16.00
CA VAL A 269 -5.58 3.65 17.13
C VAL A 269 -5.57 4.59 18.31
N GLY A 270 -6.21 4.23 19.41
CA GLY A 270 -6.43 5.16 20.56
C GLY A 270 -7.61 6.15 20.35
N GLN A 271 -8.03 6.39 19.13
CA GLN A 271 -9.23 7.29 18.92
C GLN A 271 -10.53 6.77 19.56
N ARG A 272 -11.50 7.65 19.89
CA ARG A 272 -12.77 7.15 20.24
C ARG A 272 -13.76 8.08 19.64
N TYR A 273 -15.03 7.72 19.53
CA TYR A 273 -16.03 8.74 19.08
C TYR A 273 -17.27 8.23 19.70
N ASP A 274 -18.04 9.11 20.38
CA ASP A 274 -19.32 8.66 20.92
C ASP A 274 -20.38 9.08 19.94
N VAL A 275 -21.42 8.28 19.73
CA VAL A 275 -22.35 8.73 18.75
C VAL A 275 -23.74 8.33 19.17
N VAL A 276 -24.73 9.02 18.62
CA VAL A 276 -26.09 8.64 18.77
C VAL A 276 -26.50 7.99 17.45
N ILE A 277 -27.34 6.94 17.61
CA ILE A 277 -27.99 6.23 16.51
C ILE A 277 -29.55 6.26 16.73
N ASP A 278 -30.32 6.68 15.75
CA ASP A 278 -31.78 6.78 15.97
C ASP A 278 -32.29 5.55 15.35
N ALA A 279 -32.82 4.64 16.17
CA ALA A 279 -33.50 3.46 15.66
C ALA A 279 -34.89 3.83 15.03
N SER A 280 -34.84 4.44 13.84
CA SER A 280 -36.03 4.93 13.11
C SER A 280 -36.23 4.28 11.71
N ARG A 281 -35.43 3.27 11.37
CA ARG A 281 -35.61 2.55 10.13
C ARG A 281 -36.42 1.36 10.49
N ALA A 282 -36.67 0.50 9.49
CA ALA A 282 -37.44 -0.72 9.61
C ALA A 282 -36.76 -1.66 10.55
N PRO A 283 -37.54 -2.18 11.51
CA PRO A 283 -37.21 -3.29 12.42
C PRO A 283 -36.63 -4.50 11.72
N ASP A 284 -35.40 -4.85 12.10
CA ASP A 284 -34.65 -5.74 11.30
C ASP A 284 -33.25 -5.85 11.97
N ASN A 285 -32.40 -6.63 11.32
CA ASN A 285 -30.95 -6.79 11.72
C ASN A 285 -30.07 -6.09 10.69
N TYR A 286 -29.21 -5.18 11.18
CA TYR A 286 -28.38 -4.42 10.31
C TYR A 286 -26.91 -4.73 10.60
N TRP A 287 -26.15 -4.87 9.56
CA TRP A 287 -24.72 -5.06 9.75
C TRP A 287 -24.09 -3.79 10.32
N PHE A 288 -23.12 -4.01 11.19
CA PHE A 288 -22.19 -2.96 11.58
C PHE A 288 -20.82 -3.39 11.00
N ASN A 289 -20.40 -2.72 9.91
CA ASN A 289 -19.25 -3.14 9.23
C ASN A 289 -18.05 -2.36 9.72
N VAL A 290 -17.00 -3.12 9.94
CA VAL A 290 -15.65 -2.55 10.02
C VAL A 290 -15.00 -2.62 8.64
N THR A 291 -14.55 -1.48 8.08
CA THR A 291 -13.95 -1.54 6.73
C THR A 291 -12.57 -0.92 6.89
N PHE A 292 -11.82 -0.63 5.83
CA PHE A 292 -10.45 -0.05 5.80
C PHE A 292 -10.27 0.64 4.45
N GLY A 293 -9.30 1.57 4.33
CA GLY A 293 -9.08 2.40 3.09
C GLY A 293 -7.70 2.99 3.14
N GLY A 294 -7.42 4.16 2.54
CA GLY A 294 -6.06 4.64 2.53
C GLY A 294 -5.12 3.55 2.14
N GLN A 295 -5.45 2.81 1.09
CA GLN A 295 -4.70 1.69 0.50
C GLN A 295 -3.80 0.94 1.39
N ALA A 296 -4.44 0.37 2.42
CA ALA A 296 -3.84 -0.45 3.43
C ALA A 296 -2.64 0.17 4.15
N ALA A 297 -2.51 1.48 4.05
CA ALA A 297 -1.35 2.08 4.63
C ALA A 297 -1.45 2.16 6.15
N CYS A 298 -2.66 1.96 6.66
CA CYS A 298 -2.90 2.05 8.12
C CYS A 298 -3.70 0.84 8.66
N GLY A 299 -3.60 -0.25 7.92
CA GLY A 299 -3.76 -1.61 8.31
C GLY A 299 -4.88 -2.34 7.56
N GLY A 300 -5.00 -3.66 7.79
CA GLY A 300 -6.25 -4.29 7.44
C GLY A 300 -6.31 -5.62 8.15
N SER A 301 -7.24 -6.44 7.69
CA SER A 301 -7.45 -7.74 8.29
C SER A 301 -7.67 -8.88 7.29
N LEU A 302 -7.09 -10.05 7.60
CA LEU A 302 -7.32 -11.35 6.92
C LEU A 302 -8.78 -11.76 7.08
N ASN A 303 -9.50 -11.20 8.03
CA ASN A 303 -10.99 -11.32 7.98
C ASN A 303 -11.53 -10.23 6.98
N PRO A 304 -12.24 -10.65 5.92
CA PRO A 304 -12.35 -9.62 4.95
C PRO A 304 -13.57 -8.82 5.23
N HIS A 305 -14.40 -9.22 6.20
CA HIS A 305 -15.50 -8.32 6.60
C HIS A 305 -15.84 -8.28 8.05
N PRO A 306 -14.96 -7.79 8.92
CA PRO A 306 -15.26 -7.87 10.33
C PRO A 306 -16.60 -7.22 10.44
N ALA A 307 -17.51 -7.72 11.26
CA ALA A 307 -18.85 -7.10 11.46
C ALA A 307 -19.49 -7.43 12.80
N ALA A 308 -20.36 -6.55 13.29
CA ALA A 308 -21.41 -6.82 14.33
C ALA A 308 -22.84 -6.73 13.76
N ILE A 309 -23.79 -7.17 14.56
CA ILE A 309 -25.23 -7.15 14.21
C ILE A 309 -25.93 -6.20 15.12
N PHE A 310 -26.69 -5.34 14.51
CA PHE A 310 -27.54 -4.50 15.33
C PHE A 310 -28.95 -5.00 15.05
N HIS A 311 -29.65 -5.37 16.10
CA HIS A 311 -30.92 -6.06 15.97
C HIS A 311 -31.98 -5.13 16.57
N TYR A 312 -33.05 -4.93 15.84
CA TYR A 312 -34.11 -4.19 16.48
C TYR A 312 -34.83 -5.12 17.38
N ALA A 313 -35.25 -4.59 18.51
CA ALA A 313 -35.99 -5.37 19.44
C ALA A 313 -37.38 -5.51 18.85
N GLY A 314 -37.74 -6.77 18.62
CA GLY A 314 -39.03 -7.22 18.15
C GLY A 314 -38.95 -7.88 16.79
N ALA A 315 -37.79 -7.76 16.14
CA ALA A 315 -37.64 -8.20 14.76
C ALA A 315 -37.08 -9.62 14.77
N PRO A 316 -37.13 -10.36 13.65
CA PRO A 316 -36.73 -11.73 13.88
C PRO A 316 -35.21 -11.80 14.28
N GLY A 317 -34.68 -13.02 14.36
CA GLY A 317 -33.27 -13.20 14.72
C GLY A 317 -32.48 -13.50 13.47
N GLY A 318 -31.34 -14.17 13.65
CA GLY A 318 -30.51 -14.45 12.53
C GLY A 318 -29.79 -13.27 11.97
N LEU A 319 -29.08 -13.51 10.87
CA LEU A 319 -28.22 -12.47 10.31
C LEU A 319 -28.87 -11.49 9.32
N PRO A 320 -28.37 -10.23 9.33
CA PRO A 320 -28.63 -9.23 8.34
C PRO A 320 -28.48 -9.81 6.93
N THR A 321 -29.28 -9.27 5.99
CA THR A 321 -29.38 -9.73 4.59
C THR A 321 -28.98 -8.68 3.57
N ASP A 322 -29.03 -7.38 3.96
CA ASP A 322 -28.44 -6.27 3.21
C ASP A 322 -26.96 -6.00 3.62
N GLU A 323 -26.06 -6.40 2.73
CA GLU A 323 -24.61 -6.26 2.79
C GLU A 323 -24.21 -4.83 2.86
N GLY A 324 -25.12 -3.92 2.44
CA GLY A 324 -24.91 -2.46 2.47
C GLY A 324 -24.10 -1.94 1.33
N THR A 325 -23.64 -0.71 1.43
CA THR A 325 -22.74 -0.15 0.43
C THR A 325 -21.40 0.27 1.10
N PRO A 326 -20.29 0.07 0.41
CA PRO A 326 -19.01 0.47 0.98
C PRO A 326 -19.00 1.98 1.30
N PRO A 327 -18.33 2.37 2.42
CA PRO A 327 -18.27 3.79 2.75
C PRO A 327 -17.17 4.44 1.94
N VAL A 328 -17.21 5.78 1.89
CA VAL A 328 -16.11 6.56 1.36
C VAL A 328 -14.79 6.07 1.98
N ASP A 329 -13.82 5.68 1.17
CA ASP A 329 -12.43 5.56 1.64
C ASP A 329 -11.99 6.86 2.41
N HIS A 330 -11.86 6.77 3.73
CA HIS A 330 -11.31 7.88 4.56
C HIS A 330 -9.76 8.05 4.49
N GLN A 331 -9.05 7.17 3.79
CA GLN A 331 -7.58 7.39 3.43
C GLN A 331 -6.58 7.52 4.64
N CYS A 332 -6.81 6.72 5.67
CA CYS A 332 -5.96 6.80 6.91
C CYS A 332 -5.97 8.20 7.54
N LEU A 333 -7.07 8.95 7.38
CA LEU A 333 -7.19 10.34 7.83
C LEU A 333 -8.39 10.58 8.75
N ASP A 334 -8.18 11.10 9.94
CA ASP A 334 -9.37 11.52 10.67
C ASP A 334 -10.05 12.80 10.20
N THR A 335 -11.34 12.94 10.53
CA THR A 335 -12.10 14.11 10.08
C THR A 335 -11.77 15.32 10.94
N LEU A 336 -11.57 16.41 10.25
CA LEU A 336 -11.21 17.62 10.98
C LEU A 336 -12.44 18.52 10.94
N ASP A 337 -13.61 17.94 10.75
CA ASP A 337 -14.83 18.76 10.75
C ASP A 337 -15.47 18.90 12.14
N VAL A 338 -14.89 18.23 13.13
CA VAL A 338 -15.51 18.23 14.46
C VAL A 338 -15.16 19.58 15.10
N ARG A 339 -16.10 20.11 15.94
CA ARG A 339 -15.95 21.47 16.52
C ARG A 339 -16.27 21.39 17.99
N PRO A 340 -15.25 21.47 18.90
CA PRO A 340 -15.60 21.31 20.36
C PRO A 340 -16.83 22.19 20.79
N VAL A 341 -17.71 21.65 21.65
CA VAL A 341 -18.78 22.42 22.36
C VAL A 341 -18.18 23.65 23.13
N VAL A 342 -17.09 23.37 23.86
CA VAL A 342 -16.35 24.38 24.59
C VAL A 342 -15.17 24.81 23.73
N PRO A 343 -15.16 26.09 23.26
CA PRO A 343 -14.25 26.57 22.26
C PRO A 343 -12.83 26.70 22.80
N ARG A 344 -11.86 26.79 21.90
CA ARG A 344 -10.57 27.41 22.19
C ARG A 344 -10.29 28.19 20.93
N SER A 345 -9.59 29.32 21.03
CA SER A 345 -8.98 30.03 19.83
C SER A 345 -7.53 30.33 20.19
N VAL A 346 -6.64 30.13 19.23
CA VAL A 346 -5.28 30.68 19.25
C VAL A 346 -4.93 31.29 17.88
N PRO A 347 -3.92 32.16 17.78
CA PRO A 347 -3.65 32.71 16.44
C PRO A 347 -2.90 31.79 15.46
N VAL A 348 -3.39 31.79 14.23
CA VAL A 348 -2.85 30.94 13.15
C VAL A 348 -2.29 31.78 11.99
N ASN A 349 -1.77 32.95 12.36
CA ASN A 349 -0.94 33.81 11.53
C ASN A 349 0.61 33.64 11.84
N SER A 350 1.15 34.49 12.69
CA SER A 350 2.57 34.51 13.14
C SER A 350 3.59 33.38 12.95
N PHE A 351 3.26 32.24 12.29
CA PHE A 351 4.11 30.97 12.38
C PHE A 351 5.46 30.84 11.69
N VAL A 352 6.50 30.51 12.45
CA VAL A 352 7.87 30.35 11.92
C VAL A 352 8.34 28.95 12.29
N LYS A 353 8.79 28.19 11.30
CA LYS A 353 9.43 26.90 11.48
C LYS A 353 10.88 27.07 12.00
N ARG A 354 11.15 26.55 13.18
CA ARG A 354 12.51 26.63 13.75
C ARG A 354 12.70 25.28 14.44
N PRO A 355 13.98 24.82 14.59
CA PRO A 355 14.32 23.59 15.30
C PRO A 355 13.66 23.32 16.64
N ASP A 356 13.37 24.36 17.44
CA ASP A 356 12.76 24.25 18.78
C ASP A 356 11.23 24.05 18.71
N ASN A 357 10.65 24.07 17.52
CA ASN A 357 9.19 23.84 17.38
C ASN A 357 8.80 22.66 16.46
N THR A 358 9.85 21.99 16.00
CA THR A 358 9.73 21.05 14.91
C THR A 358 10.20 19.65 15.32
N LEU A 359 9.39 18.65 14.97
CA LEU A 359 9.64 17.27 15.32
C LEU A 359 9.62 16.57 13.98
N PRO A 360 10.87 16.36 13.40
CA PRO A 360 11.10 15.57 12.21
C PRO A 360 11.08 14.00 12.43
N VAL A 361 10.12 13.31 11.80
CA VAL A 361 10.04 11.83 11.99
C VAL A 361 10.78 11.18 10.83
N ALA A 362 11.51 10.12 11.09
CA ALA A 362 12.30 9.51 10.06
C ALA A 362 12.55 8.05 10.42
N LEU A 363 12.24 7.19 9.43
CA LEU A 363 12.55 5.74 9.42
C LEU A 363 14.00 5.63 9.00
N ASP A 364 14.83 5.18 9.93
CA ASP A 364 16.23 4.82 9.62
C ASP A 364 16.28 3.31 9.28
N LEU A 365 16.71 2.99 8.06
CA LEU A 365 16.84 1.61 7.60
C LEU A 365 18.29 1.10 7.48
N THR A 366 19.22 1.85 8.02
CA THR A 366 20.61 1.68 7.65
C THR A 366 21.33 1.17 8.88
N GLY A 367 20.53 0.88 9.91
CA GLY A 367 21.04 0.22 11.12
C GLY A 367 20.63 -1.25 11.31
N THR A 368 20.54 -1.64 12.58
CA THR A 368 19.98 -2.95 13.04
C THR A 368 19.17 -2.62 14.29
N PRO A 369 17.89 -3.07 14.35
CA PRO A 369 17.15 -3.74 13.26
C PRO A 369 16.79 -2.86 12.03
N LEU A 370 16.35 -3.53 10.99
CA LEU A 370 15.95 -2.85 9.75
C LEU A 370 15.00 -1.66 10.01
N PHE A 371 14.01 -1.85 10.89
CA PHE A 371 12.94 -0.83 11.06
C PHE A 371 13.09 -0.21 12.39
N VAL A 372 13.62 1.01 12.37
CA VAL A 372 13.89 1.86 13.53
C VAL A 372 13.21 3.22 13.30
N TRP A 373 12.54 3.71 14.32
CA TRP A 373 11.84 5.00 14.13
C TRP A 373 12.51 6.08 14.90
N LYS A 374 12.74 7.23 14.26
CA LYS A 374 13.44 8.35 14.96
C LYS A 374 12.75 9.74 15.01
N VAL A 375 12.57 10.35 16.18
CA VAL A 375 12.07 11.75 16.24
C VAL A 375 13.22 12.69 16.60
N ASN A 376 13.37 13.72 15.77
CA ASN A 376 14.46 14.64 15.81
C ASN A 376 15.80 13.86 15.97
N GLY A 377 16.03 12.93 15.05
CA GLY A 377 17.23 12.06 14.95
C GLY A 377 17.59 11.00 16.01
N SER A 378 16.66 10.67 16.92
CA SER A 378 16.97 9.62 17.92
C SER A 378 15.75 8.75 18.09
N ASP A 379 15.99 7.42 18.16
CA ASP A 379 14.96 6.46 18.53
C ASP A 379 14.66 6.55 20.02
N ILE A 380 13.39 6.73 20.43
CA ILE A 380 13.34 6.72 21.90
C ILE A 380 13.81 5.32 22.44
N ASN A 381 14.26 5.34 23.68
CA ASN A 381 14.68 4.12 24.38
C ASN A 381 14.71 4.52 25.86
N VAL A 382 13.54 4.50 26.51
CA VAL A 382 13.52 4.88 27.97
C VAL A 382 14.40 4.01 28.91
N ASP A 383 14.77 4.51 30.11
CA ASP A 383 15.26 3.56 31.17
C ASP A 383 14.10 3.18 32.06
N TRP A 384 13.77 1.87 32.03
CA TRP A 384 12.74 1.36 32.90
C TRP A 384 13.12 1.54 34.35
N GLY A 385 14.40 1.41 34.67
CA GLY A 385 14.83 1.47 36.08
C GLY A 385 15.34 2.83 36.52
N LYS A 386 14.87 3.88 35.86
CA LYS A 386 15.52 5.23 36.05
C LYS A 386 14.68 6.20 35.29
N PRO A 387 13.39 6.24 35.62
CA PRO A 387 12.50 7.09 34.89
C PRO A 387 12.89 8.58 34.97
N ILE A 388 12.27 9.34 34.10
CA ILE A 388 12.57 10.73 34.11
C ILE A 388 12.20 11.25 35.49
N ILE A 389 11.17 10.68 36.16
CA ILE A 389 10.75 11.17 37.53
C ILE A 389 11.73 10.99 38.72
N ASP A 390 12.78 10.26 38.45
CA ASP A 390 13.78 9.95 39.42
C ASP A 390 14.86 10.91 39.15
N TYR A 391 15.05 11.34 37.89
CA TYR A 391 15.94 12.52 37.54
C TYR A 391 15.45 13.87 38.15
N ILE A 392 14.15 14.12 37.97
CA ILE A 392 13.44 15.26 38.52
C ILE A 392 13.63 15.38 40.03
N LEU A 393 13.50 14.23 40.70
CA LEU A 393 13.45 14.09 42.15
C LEU A 393 14.83 14.11 42.78
N THR A 394 15.80 13.61 42.05
CA THR A 394 17.18 13.56 42.51
C THR A 394 17.89 14.76 41.85
N GLY A 395 17.14 15.60 41.16
CA GLY A 395 17.71 16.84 40.68
C GLY A 395 18.64 16.81 39.48
N ASN A 396 18.97 15.63 38.96
CA ASN A 396 19.81 15.40 37.75
C ASN A 396 19.06 16.03 36.54
N THR A 397 19.75 16.83 35.72
CA THR A 397 19.20 17.55 34.54
C THR A 397 19.86 17.16 33.19
N SER A 398 20.81 16.22 33.24
CA SER A 398 21.47 15.67 32.06
C SER A 398 20.71 14.43 31.58
N TYR A 399 19.56 14.62 30.96
CA TYR A 399 18.75 13.49 30.59
C TYR A 399 19.46 12.77 29.46
N PRO A 400 19.48 11.43 29.45
CA PRO A 400 20.12 10.85 28.25
C PRO A 400 19.49 11.36 26.89
N VAL A 401 20.17 11.07 25.79
CA VAL A 401 19.70 11.37 24.45
C VAL A 401 18.56 10.40 24.10
N SER A 402 18.70 9.13 24.51
CA SER A 402 17.66 8.04 24.46
C SER A 402 16.28 8.53 24.92
N ASP A 403 16.30 9.36 25.95
CA ASP A 403 15.06 9.85 26.50
C ASP A 403 14.18 10.82 25.69
N ASN A 404 14.75 11.46 24.65
CA ASN A 404 14.01 12.28 23.70
C ASN A 404 13.27 13.40 24.42
N ILE A 405 13.94 13.99 25.40
CA ILE A 405 13.35 15.07 26.24
C ILE A 405 13.10 16.37 25.45
N VAL A 406 11.88 16.86 25.39
CA VAL A 406 11.61 18.12 24.69
C VAL A 406 11.18 19.01 25.83
N GLN A 407 12.06 19.94 26.21
CA GLN A 407 11.82 20.80 27.40
C GLN A 407 11.03 22.06 27.14
N VAL A 408 9.99 22.24 27.95
CA VAL A 408 9.08 23.32 27.78
C VAL A 408 8.95 24.00 29.12
N ASP A 409 9.62 25.13 29.36
CA ASP A 409 9.43 25.84 30.68
C ASP A 409 8.20 26.78 30.71
N ALA A 410 7.73 27.25 29.58
CA ALA A 410 6.70 28.31 29.62
C ALA A 410 5.52 27.84 30.45
N VAL A 411 5.00 28.73 31.29
CA VAL A 411 4.00 28.39 32.23
C VAL A 411 2.70 28.73 31.53
N ASP A 412 1.75 27.79 31.48
CA ASP A 412 0.39 28.01 30.93
C ASP A 412 0.26 28.68 29.54
N GLN A 413 1.34 28.63 28.79
CA GLN A 413 1.31 29.20 27.42
C GLN A 413 0.86 28.16 26.34
N TRP A 414 0.26 28.64 25.24
CA TRP A 414 0.16 27.86 24.02
C TRP A 414 1.55 27.67 23.41
N THR A 415 1.83 26.42 23.01
CA THR A 415 3.01 26.01 22.31
C THR A 415 2.56 25.27 21.04
N TYR A 416 3.18 25.63 19.92
CA TYR A 416 2.85 25.08 18.58
C TYR A 416 3.96 24.13 18.16
N TRP A 417 3.55 23.01 17.59
CA TRP A 417 4.43 21.89 17.26
C TRP A 417 4.21 21.46 15.83
N LEU A 418 5.31 21.52 15.05
CA LEU A 418 5.32 21.01 13.68
C LEU A 418 5.83 19.60 13.63
N ILE A 419 4.95 18.68 13.34
CA ILE A 419 5.44 17.28 13.31
C ILE A 419 5.66 16.91 11.83
N GLU A 420 6.92 16.55 11.47
CA GLU A 420 7.24 16.31 10.02
C GLU A 420 7.30 14.84 9.78
N ASN A 421 6.74 14.42 8.64
CA ASN A 421 6.65 12.98 8.30
C ASN A 421 7.63 12.33 7.28
N ASP A 422 8.92 12.31 7.61
CA ASP A 422 9.84 11.74 6.67
C ASP A 422 9.65 12.22 5.23
N PRO A 423 9.36 13.50 5.09
CA PRO A 423 9.21 14.02 3.74
C PRO A 423 10.41 13.64 2.84
N GLU A 424 11.55 13.44 3.47
CA GLU A 424 12.76 13.01 2.81
C GLU A 424 13.02 11.53 2.67
N GLY A 425 12.32 10.71 3.46
CA GLY A 425 12.65 9.27 3.47
C GLY A 425 12.40 8.50 2.17
N PRO A 426 12.69 7.20 2.20
CA PRO A 426 12.51 6.21 1.12
C PRO A 426 11.01 6.00 0.89
N PHE A 427 10.25 6.00 2.01
CA PHE A 427 8.79 6.07 1.97
C PHE A 427 8.35 6.57 3.31
N SER A 428 7.06 6.92 3.41
CA SER A 428 6.42 7.53 4.57
C SER A 428 5.07 6.86 4.78
N LEU A 429 4.67 6.71 6.05
CA LEU A 429 3.43 6.03 6.49
C LEU A 429 2.41 6.91 7.26
N PRO A 430 1.11 6.56 7.28
CA PRO A 430 0.23 7.09 8.36
C PRO A 430 0.72 6.75 9.75
N HIS A 431 0.84 7.77 10.63
CA HIS A 431 1.13 7.56 12.09
C HIS A 431 0.05 8.14 12.98
N PRO A 432 -0.62 7.32 13.78
CA PRO A 432 -1.53 7.80 14.85
C PRO A 432 -0.83 8.52 16.09
N MET A 433 -0.67 9.84 16.02
CA MET A 433 0.08 10.69 17.01
C MET A 433 -0.81 11.14 18.15
N HIS A 434 -0.34 10.95 19.37
CA HIS A 434 -1.22 10.93 20.51
C HIS A 434 -0.38 11.57 21.58
N LEU A 435 -1.03 12.37 22.38
CA LEU A 435 -0.29 13.13 23.42
C LEU A 435 -0.67 12.69 24.84
N HIS A 436 0.32 12.46 25.75
CA HIS A 436 -0.08 12.24 27.14
C HIS A 436 -0.26 13.60 27.77
N GLY A 437 -0.98 13.66 28.93
CA GLY A 437 -1.20 14.86 29.80
C GLY A 437 -2.14 16.00 29.40
N HIS A 438 -2.78 15.87 28.24
CA HIS A 438 -3.17 17.03 27.39
C HIS A 438 -4.09 16.55 26.22
N ASP A 439 -5.00 17.42 25.74
CA ASP A 439 -5.62 17.35 24.39
C ASP A 439 -4.95 18.49 23.64
N PHE A 440 -4.65 18.27 22.38
CA PHE A 440 -4.07 19.30 21.53
C PHE A 440 -5.21 19.82 20.61
N LEU A 441 -4.93 20.95 19.94
CA LEU A 441 -5.71 21.49 18.85
C LEU A 441 -4.99 21.08 17.62
N VAL A 442 -5.78 20.52 16.69
CA VAL A 442 -5.31 20.19 15.39
C VAL A 442 -5.36 21.46 14.50
N LEU A 443 -4.22 22.15 14.43
CA LEU A 443 -4.28 23.45 13.76
C LEU A 443 -4.39 23.21 12.28
N GLY A 444 -3.80 22.13 11.80
CA GLY A 444 -3.77 21.96 10.39
C GLY A 444 -2.93 20.77 10.07
N ARG A 445 -3.04 20.38 8.80
CA ARG A 445 -2.23 19.30 8.22
C ARG A 445 -2.10 19.55 6.68
N SER A 446 -1.11 18.87 6.10
CA SER A 446 -0.72 18.93 4.71
C SER A 446 -1.80 18.28 3.91
N PRO A 447 -1.97 18.73 2.67
CA PRO A 447 -3.19 18.38 1.90
C PRO A 447 -3.70 16.91 2.00
N ASP A 448 -5.02 16.72 1.93
CA ASP A 448 -5.52 15.37 2.01
C ASP A 448 -5.34 14.69 0.60
N VAL A 449 -4.62 13.58 0.54
CA VAL A 449 -4.28 12.93 -0.72
C VAL A 449 -4.25 11.41 -0.37
N PRO A 450 -4.39 10.50 -1.38
CA PRO A 450 -4.51 9.14 -1.06
C PRO A 450 -3.27 8.73 -0.31
N ALA A 451 -3.41 7.81 0.68
CA ALA A 451 -2.28 7.57 1.65
C ALA A 451 -1.05 7.01 1.07
N ALA A 452 -1.23 6.15 0.07
CA ALA A 452 -0.13 5.48 -0.57
C ALA A 452 0.46 6.21 -1.83
N SER A 453 0.29 7.53 -1.94
CA SER A 453 0.60 8.28 -3.13
C SER A 453 2.01 8.78 -3.22
N GLN A 454 2.83 8.56 -2.17
CA GLN A 454 4.26 8.92 -2.23
C GLN A 454 4.49 10.43 -2.25
N GLN A 455 3.46 11.25 -2.35
CA GLN A 455 3.67 12.68 -2.38
C GLN A 455 4.16 13.10 -1.01
N ARG A 456 4.99 14.14 -1.02
CA ARG A 456 5.78 14.61 0.14
C ARG A 456 5.52 16.14 0.20
N PHE A 457 5.30 16.67 1.41
CA PHE A 457 4.87 18.04 1.60
C PHE A 457 5.64 18.47 2.77
N VAL A 458 6.29 19.63 2.59
CA VAL A 458 7.04 20.42 3.59
C VAL A 458 6.23 21.72 3.85
N PHE A 459 6.07 22.05 5.15
CA PHE A 459 5.32 23.19 5.57
C PHE A 459 5.97 24.39 4.92
N ASP A 460 5.10 25.17 4.31
CA ASP A 460 5.37 26.55 3.74
C ASP A 460 4.41 27.65 4.19
N PRO A 461 4.91 28.80 4.80
CA PRO A 461 3.83 29.67 5.33
C PRO A 461 3.05 30.38 4.25
N ALA A 462 3.77 30.74 3.18
CA ALA A 462 3.21 31.36 2.03
C ALA A 462 1.85 30.74 1.62
N VAL A 463 1.79 29.41 1.53
CA VAL A 463 0.59 28.66 1.21
C VAL A 463 -0.16 28.02 2.44
N ASP A 464 0.61 27.60 3.49
CA ASP A 464 0.07 26.83 4.63
C ASP A 464 -0.57 27.52 5.81
N LEU A 465 -0.16 28.76 6.07
CA LEU A 465 -0.81 29.72 6.99
C LEU A 465 -2.25 29.89 6.65
N ALA A 466 -2.54 29.72 5.36
CA ALA A 466 -3.86 30.06 4.76
C ALA A 466 -4.78 28.91 5.01
N ARG A 467 -4.14 27.77 5.24
CA ARG A 467 -4.79 26.55 5.55
C ARG A 467 -5.03 26.23 7.04
N LEU A 468 -4.34 26.92 7.96
CA LEU A 468 -4.52 26.68 9.39
C LEU A 468 -5.91 27.07 9.91
N ASN A 469 -6.27 26.55 11.09
CA ASN A 469 -7.59 26.71 11.72
C ASN A 469 -7.31 27.03 13.20
N GLY A 470 -7.57 28.26 13.62
CA GLY A 470 -7.29 28.67 15.00
C GLY A 470 -8.58 28.91 15.74
N ASP A 471 -9.68 28.76 15.05
CA ASP A 471 -10.97 29.15 15.55
C ASP A 471 -11.73 27.88 15.86
N ASN A 472 -11.91 27.60 17.15
CA ASN A 472 -12.37 26.29 17.60
C ASN A 472 -11.99 25.03 16.74
N PRO A 473 -10.68 24.76 16.44
CA PRO A 473 -10.31 23.56 15.63
C PRO A 473 -10.62 22.24 16.41
N PRO A 474 -10.55 21.08 15.74
CA PRO A 474 -10.53 19.84 16.55
C PRO A 474 -9.56 19.88 17.74
N ARG A 475 -10.04 19.37 18.88
CA ARG A 475 -9.34 19.22 20.17
C ARG A 475 -9.65 17.79 20.57
N ARG A 476 -8.53 17.08 20.83
CA ARG A 476 -8.61 15.72 21.14
C ARG A 476 -7.17 15.29 21.45
N ASP A 477 -6.91 13.97 21.51
CA ASP A 477 -5.64 13.41 22.13
C ASP A 477 -4.90 12.55 21.22
N THR A 478 -5.60 12.19 20.15
CA THR A 478 -5.08 11.38 19.05
C THR A 478 -5.48 12.01 17.67
N THR A 479 -4.50 12.22 16.80
CA THR A 479 -4.79 12.63 15.40
C THR A 479 -3.88 12.04 14.34
N MET A 480 -4.36 11.90 13.09
CA MET A 480 -3.42 11.62 11.99
C MET A 480 -2.32 12.62 11.49
N LEU A 481 -1.08 12.08 11.58
CA LEU A 481 0.08 12.61 10.83
C LEU A 481 0.01 11.98 9.44
N PRO A 482 -0.18 12.86 8.43
CA PRO A 482 -0.22 12.47 6.97
C PRO A 482 1.07 11.78 6.37
N ALA A 483 0.80 10.77 5.52
CA ALA A 483 1.80 10.01 4.84
C ALA A 483 2.62 11.03 4.15
N GLY A 484 3.92 10.89 4.23
CA GLY A 484 4.83 11.92 3.66
C GLY A 484 4.65 13.39 3.93
N GLY A 485 3.85 13.86 4.91
CA GLY A 485 3.65 15.27 5.08
C GLY A 485 3.81 15.78 6.48
N TRP A 486 2.79 16.50 6.94
CA TRP A 486 2.96 17.31 8.22
C TRP A 486 1.72 17.60 9.06
N LEU A 487 1.92 17.57 10.40
CA LEU A 487 0.86 18.02 11.34
C LEU A 487 1.21 19.27 12.11
N LEU A 488 0.28 20.21 12.20
CA LEU A 488 0.56 21.37 13.04
C LEU A 488 -0.26 21.37 14.35
N LEU A 489 0.46 21.14 15.42
CA LEU A 489 -0.29 20.93 16.70
C LEU A 489 -0.10 22.14 17.64
N ALA A 490 -1.01 22.29 18.61
CA ALA A 490 -0.83 23.22 19.68
C ALA A 490 -1.41 22.75 21.03
N PHE A 491 -0.56 22.86 22.06
CA PHE A 491 -1.01 22.61 23.42
C PHE A 491 -0.61 23.68 24.50
N ARG A 492 -1.42 23.81 25.57
CA ARG A 492 -1.30 24.82 26.64
C ARG A 492 -0.50 24.17 27.71
N THR A 493 0.68 24.66 28.01
CA THR A 493 1.47 24.07 29.11
C THR A 493 0.77 24.18 30.49
N ASP A 494 -0.35 23.45 30.70
CA ASP A 494 -1.21 23.70 31.87
C ASP A 494 -1.08 22.58 32.89
N ASN A 495 0.02 21.84 32.87
CA ASN A 495 0.11 20.57 33.61
C ASN A 495 1.53 20.14 33.73
N PRO A 496 2.26 20.55 34.80
CA PRO A 496 3.66 20.07 34.80
C PRO A 496 3.74 18.54 34.91
N GLY A 497 4.78 18.02 34.23
CA GLY A 497 5.17 16.61 34.24
C GLY A 497 5.97 16.18 33.00
N ALA A 498 6.44 14.93 33.00
CA ALA A 498 7.04 14.28 31.82
C ALA A 498 5.94 13.56 31.04
N TRP A 499 5.67 14.03 29.83
CA TRP A 499 4.47 13.62 29.04
C TRP A 499 4.91 13.17 27.74
N LEU A 500 4.75 11.88 27.51
CA LEU A 500 5.01 11.33 26.21
C LEU A 500 4.11 11.83 25.06
N PHE A 501 4.67 11.84 23.83
CA PHE A 501 3.99 12.17 22.59
C PHE A 501 4.56 11.27 21.49
N HIS A 502 3.71 10.35 21.06
CA HIS A 502 4.21 9.16 20.32
C HIS A 502 3.20 8.66 19.33
N CYS A 503 3.65 7.85 18.39
CA CYS A 503 2.67 7.24 17.53
C CYS A 503 2.07 6.04 18.26
N HIS A 504 0.78 5.80 18.07
CA HIS A 504 0.18 4.81 18.91
C HIS A 504 0.15 3.49 18.26
N ILE A 505 1.00 3.28 17.21
CA ILE A 505 1.07 1.97 16.56
C ILE A 505 2.11 1.23 17.31
N ALA A 506 1.63 0.14 17.93
CA ALA A 506 2.41 -0.48 18.97
C ALA A 506 3.86 -0.76 18.50
N TRP A 507 3.98 -1.32 17.28
CA TRP A 507 5.24 -1.56 16.55
C TRP A 507 6.08 -0.28 16.27
N HIS A 508 5.40 0.85 16.17
CA HIS A 508 6.11 2.07 15.86
C HIS A 508 6.71 2.76 17.02
N VAL A 509 6.01 2.89 18.14
CA VAL A 509 6.64 3.48 19.35
C VAL A 509 7.67 2.55 19.95
N SER A 510 7.41 1.26 19.73
CA SER A 510 8.30 0.22 20.14
C SER A 510 9.64 0.41 19.47
N GLY A 511 9.63 0.79 18.20
CA GLY A 511 10.78 0.89 17.38
C GLY A 511 11.41 2.27 17.47
N GLY A 512 11.02 3.13 18.43
CA GLY A 512 11.56 4.53 18.52
C GLY A 512 10.59 5.71 18.35
N LEU A 513 9.43 5.48 17.72
CA LEU A 513 8.45 6.66 17.53
C LEU A 513 7.78 7.29 18.74
N SER A 514 8.63 7.95 19.50
CA SER A 514 8.24 8.80 20.65
C SER A 514 9.11 10.09 20.89
N VAL A 515 8.47 11.15 21.40
CA VAL A 515 9.11 12.17 22.20
C VAL A 515 8.69 12.21 23.68
N ASP A 516 9.40 13.00 24.48
CA ASP A 516 9.03 13.18 25.91
C ASP A 516 9.00 14.67 26.25
N PHE A 517 7.81 15.28 26.20
CA PHE A 517 7.73 16.70 26.57
C PHE A 517 8.08 16.98 28.10
N LEU A 518 9.33 17.29 28.48
CA LEU A 518 9.55 17.64 29.89
C LEU A 518 8.80 18.96 30.19
N GLU A 519 7.49 18.89 30.57
CA GLU A 519 6.70 20.11 30.69
C GLU A 519 6.82 20.82 32.03
N ARG A 520 7.51 21.98 32.06
CA ARG A 520 7.67 22.73 33.33
C ARG A 520 8.26 21.90 34.45
N PRO A 521 9.53 21.46 34.31
CA PRO A 521 10.25 20.67 35.34
C PRO A 521 10.25 21.21 36.81
N ALA A 522 10.66 22.45 37.01
CA ALA A 522 10.89 22.94 38.36
C ALA A 522 9.61 23.05 39.19
N ASP A 523 8.47 23.42 38.55
CA ASP A 523 7.13 23.40 39.15
C ASP A 523 6.73 21.99 39.58
N LEU A 524 7.05 21.06 38.70
CA LEU A 524 6.76 19.68 38.87
C LEU A 524 7.40 19.07 40.14
N ARG A 525 8.72 19.25 40.39
CA ARG A 525 9.38 18.81 41.67
C ARG A 525 8.56 19.23 42.92
N GLN A 526 8.05 20.47 42.98
CA GLN A 526 7.12 20.95 44.04
C GLN A 526 5.71 20.34 44.17
N ARG A 527 5.08 19.97 43.05
CA ARG A 527 3.69 19.48 43.15
C ARG A 527 3.57 17.96 43.36
N ILE A 528 4.76 17.32 43.41
CA ILE A 528 4.83 15.88 43.57
C ILE A 528 4.78 15.61 45.06
N SER A 529 3.78 14.88 45.54
CA SER A 529 3.62 14.77 46.98
C SER A 529 4.57 13.73 47.48
N GLN A 530 4.69 13.63 48.80
CA GLN A 530 5.55 12.67 49.57
C GLN A 530 5.10 11.21 49.47
N GLU A 531 3.77 11.03 49.40
CA GLU A 531 3.07 9.79 49.16
C GLU A 531 3.37 9.26 47.75
N ASP A 532 3.31 10.16 46.72
CA ASP A 532 3.74 9.80 45.32
C ASP A 532 5.28 9.60 45.26
N GLU A 533 6.04 10.58 45.72
CA GLU A 533 7.52 10.46 45.69
C GLU A 533 7.99 9.14 46.34
N ASP A 534 7.53 8.95 47.59
CA ASP A 534 7.76 7.72 48.33
C ASP A 534 7.24 6.47 47.56
N ASP A 535 6.00 6.46 47.07
CA ASP A 535 5.53 5.27 46.39
C ASP A 535 6.33 5.00 45.14
N PHE A 536 6.82 6.08 44.55
CA PHE A 536 7.69 6.02 43.40
C PHE A 536 9.00 5.23 43.62
N ASN A 537 9.68 5.53 44.73
CA ASN A 537 10.94 4.83 45.05
C ASN A 537 10.68 3.37 45.46
N ARG A 538 9.55 3.11 46.11
CA ARG A 538 9.30 1.74 46.55
C ARG A 538 9.24 0.96 45.22
N VAL A 539 8.25 1.26 44.40
CA VAL A 539 8.04 0.50 43.21
C VAL A 539 9.37 0.40 42.40
N CYS A 540 10.06 1.53 42.22
CA CYS A 540 11.39 1.59 41.59
C CYS A 540 12.46 0.75 42.24
N ASP A 541 12.50 0.68 43.58
CA ASP A 541 13.55 -0.06 44.23
C ASP A 541 13.34 -1.57 43.93
N GLU A 542 12.07 -2.04 44.05
CA GLU A 542 11.71 -3.44 43.85
C GLU A 542 11.94 -3.85 42.42
N TRP A 543 11.78 -2.89 41.54
CA TRP A 543 11.82 -3.27 40.16
C TRP A 543 13.28 -3.53 39.91
N ARG A 544 14.10 -2.59 40.41
CA ARG A 544 15.55 -2.61 40.14
C ARG A 544 16.12 -3.82 40.77
N ALA A 545 15.53 -4.13 41.91
CA ALA A 545 15.76 -5.40 42.61
C ALA A 545 15.36 -6.54 41.71
N TYR A 546 14.11 -6.54 41.19
CA TYR A 546 13.63 -7.62 40.21
C TYR A 546 14.47 -7.82 38.92
N TRP A 547 14.85 -6.69 38.30
CA TRP A 547 15.32 -6.63 36.89
C TRP A 547 16.45 -7.57 36.46
N PRO A 548 17.56 -7.67 37.26
CA PRO A 548 18.73 -8.47 36.79
C PRO A 548 18.47 -9.99 36.85
N THR A 549 17.41 -10.37 37.56
CA THR A 549 17.05 -11.77 37.66
C THR A 549 16.25 -12.18 36.41
N ASN A 550 15.82 -11.21 35.61
CA ASN A 550 14.90 -11.56 34.56
C ASN A 550 15.53 -12.26 33.34
N PRO A 551 15.05 -13.47 32.98
CA PRO A 551 15.60 -14.36 31.89
C PRO A 551 15.50 -13.88 30.41
N TYR A 552 15.03 -12.65 30.19
CA TYR A 552 14.75 -12.08 28.86
C TYR A 552 15.30 -10.69 28.78
N PRO A 553 15.83 -10.30 27.59
CA PRO A 553 16.25 -8.87 27.36
C PRO A 553 15.08 -7.87 27.16
N LYS A 554 15.41 -6.58 27.30
CA LYS A 554 14.69 -5.49 26.65
C LYS A 554 15.18 -5.38 25.24
N ILE A 555 14.24 -5.33 24.30
CA ILE A 555 14.55 -5.59 22.89
C ILE A 555 13.97 -4.50 22.02
N ASP A 556 13.57 -3.40 22.70
CA ASP A 556 12.89 -2.28 22.06
C ASP A 556 12.93 -1.05 22.99
N SER A 557 12.23 0.03 22.63
CA SER A 557 12.31 1.33 23.38
C SER A 557 11.83 1.24 24.82
N GLY A 558 11.00 0.23 25.16
CA GLY A 558 10.45 0.11 26.52
C GLY A 558 8.93 0.50 26.55
N LEU A 559 8.44 0.94 25.42
CA LEU A 559 7.12 1.64 25.36
C LEU A 559 6.23 1.01 24.29
N GLU B 1 -1.15 -11.48 -47.39
CA GLU B 1 -2.40 -10.64 -47.48
C GLU B 1 -3.55 -11.62 -47.29
N PRO B 2 -4.67 -11.14 -46.74
CA PRO B 2 -5.84 -11.98 -46.50
C PRO B 2 -6.69 -12.11 -47.74
N THR B 3 -7.22 -13.31 -47.98
CA THR B 3 -8.09 -13.54 -49.13
C THR B 3 -9.60 -13.82 -48.80
N CYS B 4 -9.92 -14.11 -47.52
CA CYS B 4 -11.29 -14.38 -47.08
C CYS B 4 -11.63 -13.81 -45.68
N ASN B 5 -10.89 -12.79 -45.25
CA ASN B 5 -11.11 -12.20 -43.89
C ASN B 5 -12.11 -11.06 -43.96
N THR B 6 -13.36 -11.24 -43.53
CA THR B 6 -14.38 -10.20 -43.69
C THR B 6 -15.10 -9.90 -42.37
N PRO B 7 -15.93 -8.80 -42.27
CA PRO B 7 -16.56 -8.48 -40.97
C PRO B 7 -17.46 -9.60 -40.39
N SER B 8 -17.98 -10.40 -41.28
CA SER B 8 -18.86 -11.48 -40.92
C SER B 8 -18.13 -12.82 -40.66
N ASN B 9 -16.86 -12.90 -41.00
CA ASN B 9 -16.16 -14.13 -40.78
C ASN B 9 -14.72 -13.67 -40.63
N ARG B 10 -14.32 -13.48 -39.37
CA ARG B 10 -12.97 -13.00 -39.09
C ARG B 10 -12.03 -14.12 -38.86
N ALA B 11 -12.61 -15.33 -38.77
CA ALA B 11 -11.92 -16.57 -38.38
C ALA B 11 -11.09 -17.14 -39.52
N CYS B 12 -11.54 -16.86 -40.73
CA CYS B 12 -10.79 -17.22 -41.91
C CYS B 12 -9.68 -16.24 -42.22
N TRP B 13 -8.66 -16.64 -42.95
CA TRP B 13 -7.65 -15.66 -43.35
C TRP B 13 -7.23 -15.76 -44.77
N SER B 14 -6.74 -16.92 -45.17
CA SER B 14 -6.44 -17.12 -46.53
C SER B 14 -6.40 -18.60 -46.61
N ASP B 15 -6.23 -19.08 -47.85
CA ASP B 15 -6.06 -20.51 -48.21
C ASP B 15 -5.11 -21.36 -47.28
N GLY B 16 -5.71 -22.02 -46.30
CA GLY B 16 -4.97 -22.83 -45.36
C GLY B 16 -4.58 -22.14 -44.06
N PHE B 17 -4.98 -20.88 -43.91
CA PHE B 17 -4.75 -20.17 -42.68
C PHE B 17 -6.01 -19.60 -42.08
N ASP B 18 -6.16 -19.83 -40.79
CA ASP B 18 -7.35 -19.43 -40.15
C ASP B 18 -7.10 -19.36 -38.66
N ILE B 19 -8.19 -19.16 -37.94
CA ILE B 19 -8.11 -18.83 -36.51
C ILE B 19 -7.71 -20.05 -35.77
N ASN B 20 -7.90 -21.20 -36.41
CA ASN B 20 -7.53 -22.48 -35.81
C ASN B 20 -6.13 -22.97 -36.12
N THR B 21 -5.45 -22.43 -37.15
CA THR B 21 -4.03 -22.77 -37.43
C THR B 21 -3.10 -22.55 -36.29
N ASP B 22 -2.12 -23.42 -36.11
CA ASP B 22 -1.15 -23.25 -35.05
C ASP B 22 -0.03 -22.42 -35.54
N TYR B 23 -0.12 -21.08 -35.29
CA TYR B 23 0.77 -20.07 -35.96
C TYR B 23 2.21 -20.25 -35.40
N GLU B 24 2.32 -21.08 -34.39
CA GLU B 24 3.64 -21.42 -33.86
C GLU B 24 4.28 -22.53 -34.68
N VAL B 25 3.51 -23.21 -35.50
CA VAL B 25 4.14 -24.19 -36.42
C VAL B 25 3.94 -23.92 -37.90
N SER B 26 3.02 -23.02 -38.21
CA SER B 26 2.68 -22.69 -39.61
C SER B 26 2.54 -21.17 -39.84
N THR B 27 3.12 -20.63 -40.94
CA THR B 27 3.10 -19.21 -41.21
C THR B 27 2.77 -19.11 -42.68
N PRO B 28 1.97 -18.09 -43.08
CA PRO B 28 1.84 -17.72 -44.56
C PRO B 28 3.16 -17.30 -45.21
N ASP B 29 3.36 -17.75 -46.43
CA ASP B 29 4.47 -17.25 -47.23
C ASP B 29 4.03 -16.04 -48.07
N THR B 30 4.12 -14.78 -47.62
CA THR B 30 3.57 -13.66 -48.49
C THR B 30 4.62 -13.00 -49.40
N GLY B 31 5.89 -13.25 -49.10
CA GLY B 31 6.99 -12.60 -49.82
C GLY B 31 7.07 -11.09 -49.62
N VAL B 32 6.17 -10.55 -48.77
CA VAL B 32 6.06 -9.12 -48.44
C VAL B 32 6.95 -8.75 -47.23
N THR B 33 7.74 -7.67 -47.40
CA THR B 33 8.56 -7.07 -46.29
C THR B 33 7.95 -5.70 -45.97
N GLN B 34 7.59 -5.41 -44.72
CA GLN B 34 7.30 -4.01 -44.41
C GLN B 34 8.47 -3.34 -43.71
N SER B 35 8.90 -2.26 -44.32
CA SER B 35 10.05 -1.51 -44.01
C SER B 35 9.70 -0.29 -43.14
N TYR B 36 10.62 0.03 -42.17
CA TYR B 36 10.51 1.17 -41.23
C TYR B 36 11.91 1.69 -40.93
N VAL B 37 11.99 3.00 -40.65
CA VAL B 37 13.11 3.65 -39.96
C VAL B 37 12.70 4.37 -38.59
N PHE B 38 13.65 4.36 -37.66
CA PHE B 38 13.45 4.91 -36.36
C PHE B 38 14.75 5.67 -36.23
N ASN B 39 14.55 6.97 -36.25
CA ASN B 39 15.50 7.95 -36.12
C ASN B 39 15.18 8.54 -34.79
N LEU B 40 16.01 8.14 -33.83
CA LEU B 40 15.92 8.60 -32.44
C LEU B 40 16.73 9.87 -32.11
N THR B 41 16.10 10.83 -31.43
CA THR B 41 16.80 12.07 -31.03
C THR B 41 16.48 12.65 -29.61
N GLU B 42 17.47 13.26 -28.93
CA GLU B 42 17.25 14.02 -27.59
C GLU B 42 16.62 15.44 -27.72
N VAL B 43 15.45 15.66 -27.13
CA VAL B 43 14.90 17.01 -27.09
C VAL B 43 14.77 17.54 -25.69
N ASP B 44 15.30 18.76 -25.48
CA ASP B 44 15.35 19.32 -24.13
C ASP B 44 14.22 20.30 -24.00
N ASN B 45 13.61 20.45 -22.83
CA ASN B 45 12.50 21.41 -22.58
C ASN B 45 11.35 21.29 -23.59
N TRP B 46 10.75 20.09 -23.61
CA TRP B 46 9.75 19.71 -24.62
C TRP B 46 8.36 19.75 -24.04
N MET B 47 7.39 20.35 -24.76
CA MET B 47 6.10 20.60 -24.14
C MET B 47 5.32 19.37 -24.48
N GLY B 48 4.91 18.66 -23.42
CA GLY B 48 4.13 17.39 -23.49
C GLY B 48 2.68 17.68 -23.77
N PRO B 49 1.90 16.62 -23.99
CA PRO B 49 0.43 16.66 -24.34
C PRO B 49 -0.44 17.31 -23.22
N ASP B 50 0.06 17.36 -21.99
CA ASP B 50 -0.77 17.87 -20.95
C ASP B 50 -0.24 19.27 -20.61
N GLY B 51 0.35 19.94 -21.57
CA GLY B 51 0.72 21.30 -21.31
C GLY B 51 1.96 21.48 -20.42
N VAL B 52 2.52 20.38 -19.96
CA VAL B 52 3.68 20.45 -19.07
C VAL B 52 4.92 20.07 -19.83
N VAL B 53 5.95 20.84 -19.46
CA VAL B 53 7.24 20.86 -20.13
C VAL B 53 8.16 19.97 -19.38
N LYS B 54 8.58 18.90 -20.05
CA LYS B 54 9.64 18.01 -19.55
C LYS B 54 11.13 18.35 -19.83
N GLU B 55 11.99 18.13 -18.86
CA GLU B 55 13.42 18.44 -19.01
C GLU B 55 14.01 17.79 -20.21
N LYS B 56 13.70 16.50 -20.43
CA LYS B 56 14.28 15.83 -21.56
C LYS B 56 13.39 14.69 -22.06
N VAL B 57 13.30 14.54 -23.40
CA VAL B 57 12.74 13.30 -23.96
C VAL B 57 13.62 12.65 -25.08
N MET B 58 13.35 11.36 -25.31
CA MET B 58 14.01 10.58 -26.39
C MET B 58 12.89 10.05 -27.20
N LEU B 59 12.80 10.52 -28.45
CA LEU B 59 11.66 10.29 -29.35
C LEU B 59 12.18 9.66 -30.62
N ILE B 60 11.25 9.05 -31.34
CA ILE B 60 11.48 8.27 -32.55
C ILE B 60 10.70 9.03 -33.63
N ASN B 61 11.48 9.65 -34.52
CA ASN B 61 10.98 10.46 -35.60
C ASN B 61 10.19 11.71 -35.13
N GLY B 62 10.69 12.28 -34.03
CA GLY B 62 10.19 13.54 -33.52
C GLY B 62 8.83 13.50 -32.92
N ASN B 63 8.29 12.31 -32.67
CA ASN B 63 6.96 12.19 -32.06
C ASN B 63 6.87 11.44 -30.73
N ILE B 64 5.70 11.50 -30.09
CA ILE B 64 5.65 11.00 -28.72
C ILE B 64 5.85 9.44 -28.68
N MET B 65 5.69 8.81 -29.85
CA MET B 65 5.79 7.35 -30.07
C MET B 65 6.22 7.20 -31.49
N GLY B 66 6.89 6.07 -31.78
CA GLY B 66 7.46 5.74 -33.06
C GLY B 66 6.45 5.24 -34.04
N PRO B 67 6.89 4.92 -35.27
CA PRO B 67 5.93 4.30 -36.18
C PRO B 67 5.05 3.20 -35.57
N ASN B 68 3.74 3.32 -35.82
CA ASN B 68 2.82 2.28 -35.51
C ASN B 68 3.02 1.20 -36.55
N ILE B 69 3.94 0.25 -36.34
CA ILE B 69 4.11 -0.95 -37.21
C ILE B 69 2.84 -1.76 -37.51
N VAL B 70 2.74 -2.20 -38.75
CA VAL B 70 1.47 -2.81 -39.22
C VAL B 70 1.84 -3.69 -40.36
N ALA B 71 1.33 -4.92 -40.38
CA ALA B 71 1.70 -5.84 -41.39
C ALA B 71 0.75 -6.97 -41.29
N ASN B 72 0.77 -7.86 -42.29
CA ASN B 72 -0.02 -9.08 -42.28
C ASN B 72 0.75 -10.21 -41.61
N TRP B 73 0.00 -11.11 -41.03
CA TRP B 73 0.49 -12.49 -40.74
C TRP B 73 1.34 -13.17 -41.94
N GLY B 74 2.63 -13.51 -41.64
CA GLY B 74 3.49 -13.96 -42.69
C GLY B 74 4.58 -13.01 -43.16
N ASP B 75 4.40 -11.67 -43.11
CA ASP B 75 5.33 -10.78 -43.84
C ASP B 75 6.66 -10.77 -43.04
N THR B 76 7.63 -9.97 -43.51
CA THR B 76 8.73 -9.57 -42.67
C THR B 76 8.54 -8.12 -42.29
N VAL B 77 9.15 -7.73 -41.15
CA VAL B 77 9.24 -6.34 -40.72
C VAL B 77 10.74 -6.14 -40.61
N GLU B 78 11.18 -5.02 -41.17
CA GLU B 78 12.63 -4.65 -41.35
C GLU B 78 12.74 -3.18 -40.99
N VAL B 79 13.41 -2.84 -39.88
CA VAL B 79 13.39 -1.49 -39.32
C VAL B 79 14.87 -1.12 -39.14
N THR B 80 15.32 -0.08 -39.83
CA THR B 80 16.67 0.42 -39.57
C THR B 80 16.45 1.37 -38.43
N VAL B 81 17.35 1.32 -37.48
CA VAL B 81 17.24 2.12 -36.28
C VAL B 81 18.50 2.97 -36.31
N ILE B 82 18.35 4.28 -36.31
CA ILE B 82 19.43 5.18 -36.40
C ILE B 82 19.24 6.03 -35.19
N ASN B 83 20.24 5.86 -34.37
CA ASN B 83 20.46 6.48 -33.08
C ASN B 83 21.13 7.84 -33.13
N ASN B 84 20.32 8.91 -33.02
CA ASN B 84 20.85 10.25 -32.96
C ASN B 84 20.66 10.93 -31.66
N LEU B 85 20.76 10.12 -30.61
CA LEU B 85 20.98 10.57 -29.25
C LEU B 85 22.38 11.11 -28.99
N VAL B 86 22.48 12.00 -28.00
CA VAL B 86 23.70 12.62 -27.62
C VAL B 86 24.65 11.61 -26.98
N THR B 87 24.23 11.06 -25.83
CA THR B 87 25.08 10.22 -24.98
C THR B 87 24.78 8.67 -24.93
N ASN B 88 23.49 8.27 -25.01
CA ASN B 88 22.96 6.89 -24.84
C ASN B 88 23.06 6.01 -26.07
N GLY B 89 23.40 4.72 -25.91
CA GLY B 89 23.12 3.63 -26.88
C GLY B 89 21.60 3.37 -26.89
N THR B 90 21.15 2.50 -27.76
CA THR B 90 19.76 2.13 -27.75
C THR B 90 19.76 0.72 -28.26
N SER B 91 18.65 0.03 -28.06
CA SER B 91 18.47 -1.32 -28.66
C SER B 91 16.97 -1.51 -28.52
N ILE B 92 16.28 -1.79 -29.64
CA ILE B 92 14.78 -1.72 -29.66
C ILE B 92 14.46 -3.15 -29.67
N HIS B 93 13.72 -3.55 -28.65
CA HIS B 93 13.24 -4.90 -28.44
C HIS B 93 11.79 -4.97 -28.94
N TRP B 94 11.41 -6.04 -29.65
CA TRP B 94 10.07 -6.13 -30.22
C TRP B 94 9.25 -7.06 -29.31
N HIS B 95 8.45 -6.45 -28.47
CA HIS B 95 7.93 -7.19 -27.33
C HIS B 95 6.63 -7.96 -27.64
N GLY B 96 6.71 -9.29 -27.40
CA GLY B 96 5.70 -10.29 -27.84
C GLY B 96 5.95 -11.01 -29.17
N ILE B 97 6.97 -10.56 -29.85
CA ILE B 97 7.52 -11.04 -31.12
C ILE B 97 8.60 -12.12 -30.85
N HIS B 98 8.23 -13.43 -30.85
CA HIS B 98 9.10 -14.50 -30.36
C HIS B 98 10.55 -14.56 -30.95
N GLN B 99 10.81 -13.91 -32.07
CA GLN B 99 12.03 -14.10 -32.83
C GLN B 99 12.41 -15.56 -33.05
N LYS B 100 11.53 -16.35 -33.64
CA LYS B 100 11.88 -17.71 -34.13
C LYS B 100 13.28 -17.82 -34.80
N ASP B 101 14.25 -18.29 -34.04
CA ASP B 101 15.60 -18.42 -34.64
C ASP B 101 16.03 -17.09 -35.31
N THR B 102 15.65 -15.96 -34.70
CA THR B 102 16.14 -14.64 -35.07
C THR B 102 16.45 -14.01 -33.73
N ASN B 103 17.34 -14.64 -32.97
CA ASN B 103 17.56 -14.21 -31.60
C ASN B 103 18.39 -12.95 -31.54
N LEU B 104 19.34 -12.81 -32.47
CA LEU B 104 20.14 -11.59 -32.53
C LEU B 104 19.32 -10.33 -32.93
N HIS B 105 18.01 -10.46 -33.18
CA HIS B 105 17.18 -9.29 -33.53
C HIS B 105 16.24 -8.90 -32.34
N ASP B 106 16.41 -9.55 -31.20
CA ASP B 106 15.42 -9.44 -30.13
C ASP B 106 15.70 -8.09 -29.44
N GLY B 107 16.94 -7.61 -29.43
CA GLY B 107 17.07 -6.22 -29.11
C GLY B 107 17.27 -6.01 -27.63
N ALA B 108 17.81 -7.07 -27.01
CA ALA B 108 18.25 -7.05 -25.62
C ALA B 108 19.71 -6.67 -25.54
N ASN B 109 20.00 -5.38 -25.36
CA ASN B 109 21.42 -4.99 -25.24
C ASN B 109 22.12 -5.63 -24.03
N GLY B 110 23.35 -6.07 -24.19
CA GLY B 110 23.99 -6.84 -23.11
C GLY B 110 23.71 -8.33 -23.26
N VAL B 111 22.65 -8.63 -23.98
CA VAL B 111 22.31 -10.06 -24.13
C VAL B 111 22.48 -10.53 -25.63
N THR B 112 21.66 -10.03 -26.54
CA THR B 112 21.61 -10.41 -27.93
C THR B 112 22.34 -9.45 -28.88
N GLU B 113 23.07 -8.46 -28.34
CA GLU B 113 23.66 -7.35 -29.18
C GLU B 113 24.35 -6.33 -28.29
N CYS B 114 25.32 -5.53 -28.79
CA CYS B 114 25.72 -4.32 -28.03
C CYS B 114 24.64 -3.21 -28.27
N PRO B 115 24.61 -2.11 -27.49
CA PRO B 115 23.92 -0.89 -27.87
C PRO B 115 24.42 -0.26 -29.19
N ILE B 116 23.43 0.20 -29.93
CA ILE B 116 23.65 1.01 -31.11
C ILE B 116 24.24 2.38 -30.65
N PRO B 117 25.46 2.72 -31.18
CA PRO B 117 26.18 3.83 -30.62
C PRO B 117 25.42 5.13 -30.90
N PRO B 118 25.47 6.10 -29.97
CA PRO B 118 24.88 7.41 -30.12
C PRO B 118 25.46 8.16 -31.32
N LYS B 119 24.87 9.33 -31.64
CA LYS B 119 25.41 10.26 -32.67
C LYS B 119 25.52 9.68 -34.09
N GLY B 120 24.39 9.29 -34.68
CA GLY B 120 24.35 8.45 -35.84
C GLY B 120 24.68 6.95 -35.88
N GLY B 121 24.58 6.23 -34.76
CA GLY B 121 24.82 4.77 -34.78
C GLY B 121 23.66 4.08 -35.53
N GLN B 122 23.87 2.92 -36.11
CA GLN B 122 22.79 2.39 -36.93
C GLN B 122 22.76 0.88 -37.14
N ARG B 123 21.55 0.32 -37.08
CA ARG B 123 21.44 -1.11 -37.13
C ARG B 123 20.07 -1.38 -37.70
N THR B 124 19.93 -2.46 -38.49
CA THR B 124 18.64 -2.89 -39.10
C THR B 124 18.22 -4.27 -38.59
N TYR B 125 17.09 -4.32 -37.87
CA TYR B 125 16.46 -5.53 -37.45
C TYR B 125 15.48 -6.02 -38.57
N ARG B 126 15.48 -7.33 -38.77
CA ARG B 126 14.47 -8.09 -39.52
C ARG B 126 14.01 -9.36 -38.73
N TRP B 127 12.70 -9.55 -38.66
CA TRP B 127 12.13 -10.72 -38.01
C TRP B 127 10.81 -11.02 -38.75
N ARG B 128 10.36 -12.28 -38.67
CA ARG B 128 9.20 -12.71 -39.45
C ARG B 128 8.02 -12.67 -38.57
N ALA B 129 6.90 -12.20 -39.09
CA ALA B 129 5.72 -12.13 -38.28
C ALA B 129 4.99 -13.44 -38.41
N ARG B 130 5.39 -14.35 -37.55
CA ARG B 130 4.81 -15.65 -37.35
C ARG B 130 3.81 -15.69 -36.18
N GLN B 131 3.08 -14.61 -35.93
CA GLN B 131 2.13 -14.46 -34.82
C GLN B 131 1.32 -13.19 -35.14
N TYR B 132 -0.02 -13.20 -35.12
CA TYR B 132 -0.74 -11.97 -35.35
C TYR B 132 -1.34 -11.44 -34.04
N GLY B 133 -1.66 -10.16 -34.05
CA GLY B 133 -2.25 -9.62 -32.86
C GLY B 133 -1.67 -8.30 -32.52
N THR B 134 -1.58 -8.01 -31.22
CA THR B 134 -1.13 -6.73 -30.77
C THR B 134 0.04 -6.87 -29.84
N SER B 135 1.09 -6.12 -30.08
CA SER B 135 2.22 -5.97 -29.12
C SER B 135 2.85 -4.70 -29.39
N TRP B 136 4.19 -4.59 -29.21
CA TRP B 136 4.73 -3.32 -29.01
C TRP B 136 6.20 -3.40 -28.99
N TYR B 137 6.83 -2.26 -29.16
CA TYR B 137 8.33 -2.26 -29.19
C TYR B 137 8.78 -1.19 -28.23
N HIS B 138 10.00 -1.29 -27.66
CA HIS B 138 10.45 -0.21 -26.93
C HIS B 138 11.99 -0.45 -26.79
N SER B 139 12.70 0.59 -26.39
CA SER B 139 14.10 0.43 -25.86
C SER B 139 14.20 -0.56 -24.71
N HIS B 140 15.42 -1.05 -24.60
CA HIS B 140 15.82 -1.87 -23.54
C HIS B 140 17.14 -1.35 -22.99
N PHE B 141 17.47 -0.06 -23.18
CA PHE B 141 18.83 0.46 -22.80
C PHE B 141 18.56 1.10 -21.46
N SER B 142 18.82 0.26 -20.45
CA SER B 142 18.33 0.47 -19.09
C SER B 142 16.83 0.92 -19.19
N ALA B 143 16.51 2.09 -18.69
CA ALA B 143 15.10 2.57 -18.55
C ALA B 143 14.68 3.67 -19.67
N GLN B 144 15.31 3.53 -20.84
CA GLN B 144 15.34 4.64 -21.70
C GLN B 144 13.95 4.65 -22.20
N TYR B 145 13.26 3.55 -22.30
CA TYR B 145 11.87 3.72 -22.93
C TYR B 145 10.93 4.70 -22.16
N GLY B 146 11.16 4.84 -20.86
CA GLY B 146 10.44 5.84 -20.05
C GLY B 146 10.57 7.29 -20.54
N ASN B 147 11.46 7.48 -21.51
CA ASN B 147 11.68 8.81 -22.12
C ASN B 147 10.97 9.00 -23.49
N GLY B 148 10.45 7.92 -24.06
CA GLY B 148 9.80 8.03 -25.36
C GLY B 148 10.19 7.08 -26.51
N VAL B 149 11.32 6.37 -26.35
CA VAL B 149 11.76 5.27 -27.21
C VAL B 149 10.80 4.08 -26.94
N VAL B 150 9.57 4.29 -27.46
CA VAL B 150 8.48 3.34 -27.38
C VAL B 150 7.55 3.48 -28.63
N GLY B 151 6.88 2.37 -28.95
CA GLY B 151 5.77 2.36 -29.89
C GLY B 151 5.21 0.94 -29.95
N THR B 152 4.34 0.71 -30.97
CA THR B 152 3.40 -0.37 -31.03
C THR B 152 3.45 -1.17 -32.42
N ILE B 153 2.81 -2.36 -32.36
CA ILE B 153 2.75 -3.34 -33.48
C ILE B 153 1.41 -4.06 -33.71
N GLN B 154 1.01 -4.04 -34.96
CA GLN B 154 -0.27 -4.68 -35.26
C GLN B 154 -0.07 -5.55 -36.44
N ILE B 155 0.06 -6.84 -36.22
CA ILE B 155 0.22 -7.79 -37.32
C ILE B 155 -1.24 -8.29 -37.54
N ASN B 156 -1.84 -7.83 -38.64
CA ASN B 156 -3.14 -8.28 -39.09
C ASN B 156 -3.14 -9.83 -39.41
N GLY B 157 -4.32 -10.45 -39.24
CA GLY B 157 -4.53 -11.95 -39.17
C GLY B 157 -6.00 -12.24 -38.73
N PRO B 158 -6.45 -13.55 -38.56
CA PRO B 158 -7.89 -13.82 -38.25
C PRO B 158 -8.19 -13.54 -36.76
N ALA B 159 -9.45 -13.45 -36.34
CA ALA B 159 -9.71 -13.21 -34.91
C ALA B 159 -10.77 -14.17 -34.34
N SER B 160 -10.98 -14.21 -33.03
CA SER B 160 -11.93 -15.19 -32.53
C SER B 160 -13.41 -14.80 -32.53
N LEU B 161 -13.73 -13.74 -33.22
CA LEU B 161 -15.07 -13.23 -33.17
C LEU B 161 -15.02 -12.39 -34.35
N PRO B 162 -16.17 -12.25 -35.00
CA PRO B 162 -16.47 -11.26 -36.02
C PRO B 162 -16.62 -9.79 -35.50
N TYR B 163 -16.22 -8.77 -36.28
CA TYR B 163 -16.25 -7.37 -35.80
C TYR B 163 -16.20 -6.61 -37.13
N ASP B 164 -16.83 -5.43 -37.20
CA ASP B 164 -16.91 -4.61 -38.40
C ASP B 164 -15.79 -3.57 -38.55
N ILE B 165 -15.27 -3.04 -37.45
CA ILE B 165 -14.22 -2.01 -37.50
C ILE B 165 -13.09 -2.42 -36.62
N ASP B 166 -11.87 -2.39 -37.15
CA ASP B 166 -10.65 -2.39 -36.31
C ASP B 166 -10.33 -0.93 -35.92
N LEU B 167 -10.70 -0.48 -34.70
CA LEU B 167 -10.20 0.81 -34.22
C LEU B 167 -8.65 0.83 -34.01
N GLY B 168 -8.00 -0.28 -34.16
CA GLY B 168 -6.51 -0.14 -34.16
C GLY B 168 -5.97 0.24 -32.82
N VAL B 169 -4.72 0.69 -32.72
CA VAL B 169 -4.12 0.60 -31.43
C VAL B 169 -4.60 1.63 -30.42
N PHE B 170 -4.53 1.28 -29.14
CA PHE B 170 -4.94 2.23 -28.09
C PHE B 170 -3.96 2.02 -26.94
N PRO B 171 -2.71 2.50 -27.03
CA PRO B 171 -1.76 2.21 -25.92
C PRO B 171 -1.96 3.03 -24.63
N ILE B 172 -1.94 2.40 -23.43
CA ILE B 172 -2.04 3.22 -22.19
C ILE B 172 -0.70 3.33 -21.45
N THR B 173 -0.27 4.56 -21.05
CA THR B 173 1.08 4.70 -20.33
C THR B 173 1.17 5.67 -19.11
N ASP B 174 1.77 5.17 -18.01
CA ASP B 174 2.13 6.09 -16.94
C ASP B 174 2.96 7.21 -17.61
N TYR B 175 2.90 8.43 -17.02
CA TYR B 175 3.48 9.64 -17.64
C TYR B 175 3.96 10.50 -16.49
N TYR B 176 5.28 10.79 -16.54
CA TYR B 176 6.11 11.28 -15.41
C TYR B 176 6.81 12.45 -16.00
N TYR B 177 6.81 13.57 -15.30
CA TYR B 177 7.49 14.74 -15.85
C TYR B 177 9.04 14.53 -15.76
N ARG B 178 9.45 13.71 -14.82
CA ARG B 178 10.92 13.48 -14.63
C ARG B 178 11.42 12.56 -15.71
N ALA B 179 12.76 12.53 -15.96
CA ALA B 179 13.34 11.77 -17.01
C ALA B 179 13.65 10.43 -16.41
N ALA B 180 13.61 9.39 -17.22
CA ALA B 180 13.91 8.01 -16.86
C ALA B 180 15.11 7.83 -15.92
N ASP B 181 16.26 8.39 -16.30
CA ASP B 181 17.52 8.13 -15.53
C ASP B 181 17.37 8.69 -14.15
N ASP B 182 16.74 9.86 -14.04
CA ASP B 182 16.50 10.47 -12.75
C ASP B 182 15.56 9.57 -11.96
N LEU B 183 14.51 9.11 -12.61
CA LEU B 183 13.54 8.20 -12.00
C LEU B 183 14.22 6.95 -11.48
N VAL B 184 15.04 6.30 -12.32
CA VAL B 184 15.94 5.16 -11.88
C VAL B 184 16.71 5.48 -10.61
N HIS B 185 17.37 6.61 -10.72
CA HIS B 185 18.27 7.12 -9.63
C HIS B 185 17.50 7.24 -8.30
N PHE B 186 16.43 7.99 -8.37
CA PHE B 186 15.41 7.99 -7.31
C PHE B 186 14.92 6.66 -6.75
N THR B 187 14.49 5.73 -7.59
CA THR B 187 13.78 4.54 -7.12
C THR B 187 14.82 3.57 -6.55
N GLN B 188 16.09 3.98 -6.67
CA GLN B 188 17.20 3.18 -6.09
C GLN B 188 17.19 3.27 -4.60
N ASN B 189 16.71 4.40 -4.09
CA ASN B 189 16.54 4.61 -2.66
C ASN B 189 15.16 5.13 -2.32
N ASN B 190 14.10 4.97 -3.13
CA ASN B 190 12.79 5.45 -2.65
C ASN B 190 11.69 4.75 -3.41
N ALA B 191 10.57 4.56 -2.72
CA ALA B 191 9.38 3.95 -3.30
C ALA B 191 9.08 4.71 -4.54
N PRO B 192 8.50 4.06 -5.57
CA PRO B 192 8.35 4.63 -6.86
C PRO B 192 7.21 5.58 -6.72
N PRO B 193 7.24 6.67 -7.51
CA PRO B 193 6.19 7.65 -7.37
C PRO B 193 5.01 7.22 -8.17
N PHE B 194 3.84 7.78 -7.83
CA PHE B 194 2.63 7.63 -8.64
C PHE B 194 2.93 8.42 -9.91
N SER B 195 2.30 8.06 -11.04
CA SER B 195 2.59 8.81 -12.34
C SER B 195 2.03 10.24 -12.19
N ASP B 196 2.47 11.24 -12.98
CA ASP B 196 2.01 12.65 -12.85
C ASP B 196 0.76 12.65 -13.73
N ASN B 197 0.66 11.60 -14.55
CA ASN B 197 -0.53 11.48 -15.41
C ASN B 197 -0.47 10.25 -16.24
N VAL B 198 -1.62 9.83 -16.80
CA VAL B 198 -1.63 8.65 -17.65
C VAL B 198 -2.04 9.05 -19.07
N LEU B 199 -1.19 8.78 -20.05
CA LEU B 199 -1.63 9.04 -21.43
C LEU B 199 -2.39 7.89 -22.11
N ILE B 200 -3.54 8.23 -22.71
CA ILE B 200 -4.28 7.28 -23.55
C ILE B 200 -4.32 7.67 -25.07
N ASN B 201 -3.90 6.74 -25.95
CA ASN B 201 -3.49 7.06 -27.34
C ASN B 201 -2.81 8.43 -27.36
N GLY B 202 -1.93 8.74 -26.37
CA GLY B 202 -0.84 9.71 -26.61
C GLY B 202 -1.16 11.03 -25.94
N THR B 203 -2.38 11.12 -25.41
CA THR B 203 -2.93 12.34 -24.85
C THR B 203 -3.58 12.18 -23.43
N ALA B 204 -3.54 13.26 -22.62
CA ALA B 204 -4.26 13.32 -21.35
C ALA B 204 -4.66 14.78 -21.02
N VAL B 205 -5.67 14.96 -20.19
CA VAL B 205 -5.89 16.29 -19.60
C VAL B 205 -4.96 16.46 -18.39
N ASN B 206 -4.46 17.65 -18.12
CA ASN B 206 -3.75 17.82 -16.87
C ASN B 206 -4.89 18.04 -15.88
N PRO B 207 -4.87 17.37 -14.71
CA PRO B 207 -6.07 17.53 -13.89
C PRO B 207 -5.91 18.74 -12.93
N ASN B 208 -4.88 19.55 -13.15
CA ASN B 208 -4.63 20.73 -12.31
C ASN B 208 -4.83 21.97 -13.13
N THR B 209 -4.76 21.83 -14.46
CA THR B 209 -4.95 22.98 -15.33
C THR B 209 -6.04 22.76 -16.39
N GLY B 210 -6.24 21.55 -16.84
CA GLY B 210 -7.25 21.34 -17.88
C GLY B 210 -6.73 21.44 -19.31
N GLU B 211 -5.43 21.74 -19.43
CA GLU B 211 -4.76 21.83 -20.71
C GLU B 211 -4.55 20.42 -21.26
N GLY B 212 -4.49 20.27 -22.57
CA GLY B 212 -4.45 18.96 -23.17
C GLY B 212 -5.82 18.66 -23.76
N GLN B 213 -6.03 17.40 -24.14
CA GLN B 213 -7.28 16.95 -24.72
C GLN B 213 -7.50 15.49 -24.27
N TYR B 214 -8.74 15.01 -24.28
CA TYR B 214 -8.99 13.61 -23.98
C TYR B 214 -8.73 12.88 -25.28
N ALA B 215 -8.31 11.60 -25.18
CA ALA B 215 -8.32 10.62 -26.28
C ALA B 215 -9.79 10.50 -26.64
N ASN B 216 -10.12 10.36 -27.91
CA ASN B 216 -11.56 10.46 -28.30
C ASN B 216 -11.79 9.52 -29.44
N VAL B 217 -12.57 8.47 -29.20
CA VAL B 217 -12.74 7.46 -30.20
C VAL B 217 -14.18 7.54 -30.72
N THR B 218 -14.34 7.50 -32.04
CA THR B 218 -15.71 7.42 -32.54
C THR B 218 -16.17 5.98 -32.80
N LEU B 219 -17.40 5.73 -32.38
CA LEU B 219 -18.05 4.47 -32.61
C LEU B 219 -19.16 4.64 -33.64
N THR B 220 -19.23 3.71 -34.58
CA THR B 220 -20.23 3.63 -35.53
C THR B 220 -21.35 2.91 -34.75
N PRO B 221 -22.38 3.72 -34.35
CA PRO B 221 -23.56 3.09 -33.68
C PRO B 221 -23.93 1.73 -34.26
N GLY B 222 -24.10 0.70 -33.45
CA GLY B 222 -24.65 -0.49 -34.07
C GLY B 222 -23.58 -1.46 -34.55
N LYS B 223 -22.35 -0.96 -34.60
CA LYS B 223 -21.24 -1.76 -35.12
C LYS B 223 -20.46 -2.40 -33.98
N ARG B 224 -19.70 -3.46 -34.32
CA ARG B 224 -18.76 -4.19 -33.40
C ARG B 224 -17.34 -3.74 -33.71
N HIS B 225 -16.60 -3.37 -32.70
CA HIS B 225 -15.38 -2.61 -32.97
C HIS B 225 -14.27 -3.36 -32.25
N ARG B 226 -13.04 -3.31 -32.73
CA ARG B 226 -12.05 -4.01 -32.01
C ARG B 226 -10.95 -2.97 -31.69
N LEU B 227 -10.67 -2.94 -30.40
CA LEU B 227 -9.79 -1.99 -29.82
C LEU B 227 -8.63 -2.80 -29.32
N ARG B 228 -7.43 -2.33 -29.57
CA ARG B 228 -6.34 -3.13 -29.22
C ARG B 228 -5.67 -2.35 -28.15
N ILE B 229 -6.16 -2.48 -26.94
CA ILE B 229 -5.67 -1.81 -25.75
C ILE B 229 -4.29 -2.34 -25.31
N LEU B 230 -3.34 -1.46 -25.14
CA LEU B 230 -2.00 -1.90 -24.53
C LEU B 230 -1.56 -1.12 -23.32
N ASN B 231 -0.86 -1.79 -22.44
CA ASN B 231 -0.16 -1.13 -21.34
C ASN B 231 1.34 -0.93 -21.59
N THR B 232 1.66 0.29 -22.05
CA THR B 232 3.08 0.55 -22.33
C THR B 232 3.86 1.26 -21.16
N SER B 233 3.56 1.01 -19.89
CA SER B 233 4.13 1.96 -18.87
C SER B 233 5.50 1.46 -18.43
N THR B 234 6.18 2.28 -17.64
CA THR B 234 7.49 1.82 -17.05
C THR B 234 7.12 1.04 -15.74
N GLU B 235 5.95 1.39 -15.18
CA GLU B 235 5.45 0.92 -13.83
C GLU B 235 3.98 0.68 -13.55
N ASN B 236 3.13 1.67 -13.83
CA ASN B 236 1.72 1.62 -13.56
C ASN B 236 1.12 0.36 -14.17
N HIS B 237 0.26 -0.29 -13.36
CA HIS B 237 -0.58 -1.30 -13.86
C HIS B 237 -2.01 -0.76 -13.77
N PHE B 238 -2.84 -1.09 -14.72
CA PHE B 238 -4.00 -0.30 -14.96
C PHE B 238 -5.21 -1.17 -14.91
N GLN B 239 -6.38 -0.60 -14.62
CA GLN B 239 -7.62 -1.37 -14.71
C GLN B 239 -8.39 -0.52 -15.73
N VAL B 240 -8.98 -1.09 -16.78
CA VAL B 240 -9.84 -0.20 -17.63
C VAL B 240 -11.32 -0.63 -17.72
N SER B 241 -12.21 0.22 -18.22
CA SER B 241 -13.61 -0.07 -18.18
C SER B 241 -14.28 0.98 -18.99
N LEU B 242 -15.35 0.58 -19.67
CA LEU B 242 -16.13 1.51 -20.44
C LEU B 242 -17.48 1.59 -19.76
N VAL B 243 -17.87 2.86 -19.44
CA VAL B 243 -19.13 3.08 -18.78
C VAL B 243 -20.37 2.63 -19.58
N ASN B 244 -21.18 1.83 -18.93
CA ASN B 244 -22.43 1.33 -19.50
C ASN B 244 -22.14 0.39 -20.68
N HIS B 245 -20.90 -0.14 -20.78
CA HIS B 245 -20.57 -1.14 -21.82
C HIS B 245 -19.69 -2.32 -21.37
N THR B 246 -19.90 -3.47 -22.00
CA THR B 246 -19.01 -4.62 -21.83
C THR B 246 -17.90 -4.53 -22.87
N MET B 247 -16.86 -5.37 -22.68
CA MET B 247 -15.77 -5.63 -23.62
C MET B 247 -15.59 -7.13 -23.65
N THR B 248 -15.51 -7.74 -24.84
CA THR B 248 -15.17 -9.19 -25.06
C THR B 248 -13.70 -9.30 -25.49
N VAL B 249 -12.89 -9.85 -24.62
CA VAL B 249 -11.48 -10.19 -24.91
C VAL B 249 -11.47 -11.32 -25.93
N ILE B 250 -10.86 -11.01 -27.05
CA ILE B 250 -10.73 -11.99 -28.07
C ILE B 250 -9.19 -12.29 -28.17
N ALA B 251 -8.37 -11.57 -27.44
CA ALA B 251 -6.86 -11.91 -27.46
C ALA B 251 -6.12 -11.46 -26.29
N ALA B 252 -4.99 -12.12 -25.93
CA ALA B 252 -4.26 -11.66 -24.74
C ALA B 252 -2.82 -11.72 -25.13
N ASP B 253 -2.13 -10.61 -24.91
CA ASP B 253 -0.79 -10.41 -25.49
C ASP B 253 -0.94 -10.78 -27.02
N MET B 254 -0.11 -11.69 -27.60
CA MET B 254 -0.29 -12.13 -29.03
C MET B 254 -0.96 -13.58 -29.12
N VAL B 255 -1.70 -13.92 -28.10
CA VAL B 255 -2.42 -15.19 -28.17
C VAL B 255 -3.94 -14.89 -28.30
N PRO B 256 -4.53 -15.11 -29.50
CA PRO B 256 -5.99 -15.15 -29.36
C PRO B 256 -6.49 -16.29 -28.51
N VAL B 257 -7.63 -15.96 -27.89
CA VAL B 257 -8.28 -16.63 -26.83
C VAL B 257 -9.81 -16.62 -27.27
N ASN B 258 -10.51 -17.61 -26.79
CA ASN B 258 -11.95 -17.74 -27.01
C ASN B 258 -12.65 -16.55 -26.39
N ALA B 259 -13.82 -16.17 -26.90
CA ALA B 259 -14.31 -14.83 -26.59
C ALA B 259 -14.74 -14.85 -25.14
N MET B 260 -14.34 -13.81 -24.39
CA MET B 260 -14.63 -13.71 -22.89
C MET B 260 -15.06 -12.30 -22.56
N THR B 261 -16.34 -12.15 -22.26
CA THR B 261 -17.00 -10.88 -22.01
C THR B 261 -16.84 -10.48 -20.54
N VAL B 262 -16.32 -9.30 -20.31
CA VAL B 262 -16.09 -8.80 -18.99
C VAL B 262 -16.63 -7.37 -18.82
N ASP B 263 -16.60 -6.93 -17.57
CA ASP B 263 -16.92 -5.59 -17.20
C ASP B 263 -15.65 -4.72 -17.17
N SER B 264 -14.50 -5.28 -16.80
CA SER B 264 -13.34 -4.35 -16.82
C SER B 264 -12.17 -5.28 -16.92
N LEU B 265 -11.00 -4.76 -17.20
CA LEU B 265 -9.87 -5.70 -17.35
C LEU B 265 -8.65 -5.13 -16.71
N PHE B 266 -7.74 -5.95 -16.20
CA PHE B 266 -6.44 -5.47 -15.52
C PHE B 266 -5.33 -5.69 -16.49
N LEU B 267 -4.56 -4.64 -16.81
CA LEU B 267 -3.35 -4.81 -17.60
C LEU B 267 -2.05 -4.45 -16.87
N ALA B 268 -1.21 -5.41 -16.71
CA ALA B 268 0.15 -5.07 -16.18
C ALA B 268 1.03 -4.54 -17.25
N VAL B 269 2.13 -3.94 -16.79
CA VAL B 269 3.02 -3.31 -17.71
C VAL B 269 3.25 -4.38 -18.75
N GLY B 270 3.32 -4.07 -20.05
CA GLY B 270 3.59 -5.09 -21.07
C GLY B 270 2.38 -5.77 -21.70
N GLN B 271 1.31 -5.90 -20.94
CA GLN B 271 0.19 -6.74 -21.35
C GLN B 271 -0.54 -6.10 -22.49
N ARG B 272 -1.41 -6.85 -23.17
CA ARG B 272 -2.25 -6.35 -24.19
C ARG B 272 -3.52 -7.23 -24.15
N TYR B 273 -4.69 -6.64 -24.47
CA TYR B 273 -5.99 -7.30 -24.57
C TYR B 273 -6.65 -6.67 -25.78
N ASP B 274 -6.99 -7.47 -26.81
CA ASP B 274 -7.79 -6.91 -27.87
C ASP B 274 -9.17 -7.21 -27.38
N VAL B 275 -10.14 -6.37 -27.65
CA VAL B 275 -11.45 -6.62 -27.22
C VAL B 275 -12.40 -6.25 -28.29
N VAL B 276 -13.59 -6.79 -28.19
CA VAL B 276 -14.78 -6.28 -28.99
C VAL B 276 -15.79 -5.50 -28.17
N ILE B 277 -16.22 -4.36 -28.74
CA ILE B 277 -17.15 -3.47 -28.07
C ILE B 277 -18.34 -3.22 -29.07
N ASP B 278 -19.57 -3.55 -28.68
CA ASP B 278 -20.74 -3.28 -29.56
C ASP B 278 -21.39 -2.06 -29.07
N ALA B 279 -21.38 -1.10 -29.98
CA ALA B 279 -22.01 0.21 -29.87
C ALA B 279 -23.53 0.00 -30.00
N SER B 280 -24.12 -0.68 -29.03
CA SER B 280 -25.53 -1.03 -29.01
C SER B 280 -26.31 -0.32 -27.92
N ARG B 281 -25.63 0.58 -27.21
CA ARG B 281 -26.24 1.45 -26.19
C ARG B 281 -26.75 2.69 -26.88
N ALA B 282 -27.53 3.51 -26.15
CA ALA B 282 -27.89 4.91 -26.49
C ALA B 282 -26.70 5.75 -26.86
N PRO B 283 -26.76 6.37 -28.05
CA PRO B 283 -25.86 7.35 -28.73
C PRO B 283 -25.55 8.52 -27.85
N ASP B 284 -24.27 8.68 -27.49
CA ASP B 284 -23.91 9.51 -26.39
C ASP B 284 -22.41 9.33 -26.27
N ASN B 285 -21.88 9.85 -25.18
CA ASN B 285 -20.45 9.92 -24.92
C ASN B 285 -20.39 9.15 -23.64
N TYR B 286 -19.33 8.36 -23.49
CA TYR B 286 -19.13 7.49 -22.32
C TYR B 286 -17.64 7.72 -21.91
N TRP B 287 -17.29 7.66 -20.64
CA TRP B 287 -15.90 7.78 -20.22
C TRP B 287 -15.31 6.33 -20.39
N PHE B 288 -14.10 6.25 -20.93
CA PHE B 288 -13.28 5.05 -20.84
C PHE B 288 -12.34 5.41 -19.73
N ASN B 289 -12.39 4.66 -18.60
CA ASN B 289 -11.65 5.07 -17.35
C ASN B 289 -10.56 4.09 -17.15
N VAL B 290 -9.42 4.62 -16.71
CA VAL B 290 -8.36 3.83 -16.21
C VAL B 290 -8.48 4.03 -14.69
N THR B 291 -8.48 2.96 -13.94
CA THR B 291 -8.63 3.10 -12.50
C THR B 291 -7.51 2.25 -11.93
N PHE B 292 -7.23 2.29 -10.64
CA PHE B 292 -6.25 1.36 -10.02
C PHE B 292 -6.87 0.54 -8.86
N GLY B 293 -6.36 -0.65 -8.56
CA GLY B 293 -6.86 -1.44 -7.41
C GLY B 293 -5.65 -1.97 -6.62
N GLY B 294 -5.78 -3.06 -5.84
CA GLY B 294 -4.56 -3.76 -5.29
C GLY B 294 -3.68 -2.91 -4.42
N GLN B 295 -4.32 -1.84 -3.95
CA GLN B 295 -3.93 -1.07 -2.79
C GLN B 295 -2.63 -0.37 -3.00
N ALA B 296 -2.51 0.17 -4.24
CA ALA B 296 -1.28 0.81 -4.82
C ALA B 296 -0.02 -0.02 -4.86
N ALA B 297 -0.18 -1.33 -4.89
CA ALA B 297 0.95 -2.21 -4.71
C ALA B 297 1.64 -2.36 -6.04
N CYS B 298 0.88 -2.04 -7.09
CA CYS B 298 1.44 -1.94 -8.43
C CYS B 298 0.92 -0.69 -9.26
N GLY B 299 0.80 0.45 -8.63
CA GLY B 299 0.42 1.56 -9.46
C GLY B 299 -0.28 2.70 -8.84
N GLY B 300 0.00 3.91 -9.28
CA GLY B 300 -0.95 5.01 -9.04
C GLY B 300 -0.56 6.26 -9.83
N SER B 301 -1.46 7.22 -9.85
CA SER B 301 -1.25 8.34 -10.69
C SER B 301 -1.82 9.44 -9.89
N LEU B 302 -1.24 10.62 -10.00
CA LEU B 302 -1.81 11.78 -9.30
C LEU B 302 -2.95 12.44 -10.06
N ASN B 303 -3.09 12.18 -11.36
CA ASN B 303 -4.42 12.36 -12.01
C ASN B 303 -5.42 11.34 -11.38
N PRO B 304 -6.36 11.82 -10.61
CA PRO B 304 -7.37 10.99 -9.96
C PRO B 304 -8.25 10.08 -10.92
N HIS B 305 -8.35 10.48 -12.19
CA HIS B 305 -9.37 9.87 -13.07
C HIS B 305 -8.95 9.90 -14.53
N PRO B 306 -7.81 9.32 -14.88
CA PRO B 306 -7.42 9.32 -16.28
C PRO B 306 -8.68 8.81 -17.03
N ALA B 307 -9.00 9.38 -18.17
CA ALA B 307 -10.21 8.92 -18.92
C ALA B 307 -10.01 9.19 -20.44
N ALA B 308 -10.60 8.43 -21.40
CA ALA B 308 -10.85 8.92 -22.78
C ALA B 308 -12.39 8.95 -22.96
N ILE B 309 -12.83 9.41 -24.12
CA ILE B 309 -14.26 9.65 -24.48
C ILE B 309 -14.53 8.67 -25.57
N PHE B 310 -15.51 7.79 -25.38
CA PHE B 310 -15.93 7.07 -26.51
C PHE B 310 -17.22 7.83 -26.98
N HIS B 311 -17.15 8.39 -28.21
CA HIS B 311 -18.22 9.21 -28.79
C HIS B 311 -19.01 8.47 -29.86
N TYR B 312 -20.34 8.39 -29.69
CA TYR B 312 -21.10 7.69 -30.72
C TYR B 312 -21.29 8.65 -31.85
N ALA B 313 -20.89 8.18 -33.04
CA ALA B 313 -21.07 8.92 -34.27
C ALA B 313 -22.54 9.35 -34.41
N GLY B 314 -22.78 10.67 -34.47
CA GLY B 314 -24.18 11.19 -34.53
C GLY B 314 -24.68 11.84 -33.26
N ALA B 315 -24.22 11.37 -32.11
CA ALA B 315 -24.56 12.04 -30.88
C ALA B 315 -23.81 13.38 -30.72
N PRO B 316 -24.18 14.18 -29.71
CA PRO B 316 -23.60 15.52 -29.73
C PRO B 316 -22.14 15.61 -29.19
N GLY B 317 -21.58 16.80 -29.08
CA GLY B 317 -20.19 16.91 -28.61
C GLY B 317 -20.08 16.92 -27.10
N GLY B 318 -18.95 17.37 -26.58
CA GLY B 318 -18.93 17.67 -25.19
C GLY B 318 -18.50 16.46 -24.40
N LEU B 319 -18.51 16.63 -23.08
CA LEU B 319 -18.06 15.59 -22.18
C LEU B 319 -19.14 14.59 -21.81
N PRO B 320 -18.74 13.30 -21.71
CA PRO B 320 -19.58 12.29 -21.11
C PRO B 320 -20.06 12.79 -19.76
N THR B 321 -21.31 12.40 -19.44
CA THR B 321 -22.03 12.92 -18.35
C THR B 321 -22.26 11.88 -17.29
N ASP B 322 -22.27 10.58 -17.66
CA ASP B 322 -22.48 9.49 -16.69
C ASP B 322 -21.12 9.05 -16.20
N GLU B 323 -20.84 9.26 -14.91
CA GLU B 323 -19.47 9.03 -14.37
C GLU B 323 -19.27 7.57 -14.09
N GLY B 324 -20.37 6.84 -13.92
CA GLY B 324 -20.32 5.37 -13.77
C GLY B 324 -19.90 4.81 -12.43
N THR B 325 -19.69 3.49 -12.38
CA THR B 325 -19.22 2.82 -11.14
C THR B 325 -17.87 2.20 -11.24
N PRO B 326 -17.11 2.21 -10.10
CA PRO B 326 -15.72 1.80 -10.22
C PRO B 326 -15.74 0.35 -10.48
N PRO B 327 -14.86 -0.11 -11.38
CA PRO B 327 -14.79 -1.57 -11.62
C PRO B 327 -14.44 -2.22 -10.27
N VAL B 328 -14.34 -3.54 -10.26
CA VAL B 328 -13.93 -4.31 -9.15
C VAL B 328 -12.42 -4.09 -8.94
N ASP B 329 -12.01 -4.21 -7.72
CA ASP B 329 -10.60 -4.21 -7.44
C ASP B 329 -9.94 -5.56 -7.89
N HIS B 330 -9.22 -5.55 -9.01
CA HIS B 330 -8.48 -6.73 -9.47
C HIS B 330 -7.16 -7.01 -8.71
N GLN B 331 -6.92 -6.34 -7.57
CA GLN B 331 -5.75 -6.71 -6.72
C GLN B 331 -4.40 -6.89 -7.36
N CYS B 332 -4.15 -6.23 -8.44
CA CYS B 332 -2.81 -6.30 -9.11
C CYS B 332 -2.58 -7.68 -9.72
N LEU B 333 -3.63 -8.27 -10.29
CA LEU B 333 -3.63 -9.64 -10.74
C LEU B 333 -4.22 -9.77 -12.15
N ASP B 334 -3.54 -10.44 -13.04
CA ASP B 334 -4.21 -10.67 -14.29
C ASP B 334 -5.22 -11.77 -14.22
N THR B 335 -6.29 -11.63 -15.01
CA THR B 335 -7.19 -12.79 -15.14
C THR B 335 -6.58 -14.11 -15.69
N LEU B 336 -6.84 -15.24 -15.01
CA LEU B 336 -6.46 -16.60 -15.50
C LEU B 336 -7.62 -17.46 -16.03
N ASP B 337 -8.77 -16.83 -16.31
CA ASP B 337 -9.90 -17.49 -16.99
C ASP B 337 -9.75 -17.53 -18.53
N VAL B 338 -8.64 -17.01 -19.07
CA VAL B 338 -8.57 -16.75 -20.50
C VAL B 338 -8.22 -18.01 -21.23
N ARG B 339 -8.92 -18.33 -22.34
CA ARG B 339 -8.63 -19.64 -23.10
C ARG B 339 -8.21 -19.48 -24.57
N PRO B 340 -6.89 -19.76 -24.90
CA PRO B 340 -6.36 -19.66 -26.22
C PRO B 340 -7.18 -20.45 -27.16
N VAL B 341 -7.32 -20.02 -28.42
CA VAL B 341 -8.15 -20.77 -29.45
C VAL B 341 -7.38 -22.05 -29.90
N VAL B 342 -6.04 -21.99 -29.90
CA VAL B 342 -5.22 -23.13 -30.31
C VAL B 342 -4.68 -23.55 -29.03
N PRO B 343 -5.03 -24.76 -28.56
CA PRO B 343 -4.80 -25.13 -27.18
C PRO B 343 -3.48 -25.90 -27.05
N ARG B 344 -2.88 -25.83 -25.86
CA ARG B 344 -1.76 -26.68 -25.52
C ARG B 344 -2.21 -27.43 -24.27
N SER B 345 -1.79 -28.69 -24.14
CA SER B 345 -1.88 -29.40 -22.85
C SER B 345 -0.49 -29.90 -22.38
N VAL B 346 -0.18 -29.61 -21.10
CA VAL B 346 0.99 -30.25 -20.39
C VAL B 346 0.57 -31.00 -19.10
N PRO B 347 1.48 -31.78 -18.50
CA PRO B 347 0.95 -32.46 -17.36
C PRO B 347 1.16 -31.59 -16.11
N VAL B 348 0.19 -31.61 -15.21
CA VAL B 348 0.23 -30.80 -14.01
C VAL B 348 -0.10 -31.72 -12.80
N ASN B 349 -0.22 -33.02 -13.07
CA ASN B 349 -0.51 -33.97 -11.99
C ASN B 349 0.78 -34.39 -11.21
N SER B 350 1.91 -33.68 -11.38
CA SER B 350 3.19 -34.29 -10.98
C SER B 350 4.51 -33.64 -10.52
N PHE B 351 4.47 -32.40 -9.99
CA PHE B 351 5.63 -31.49 -9.74
C PHE B 351 6.53 -31.60 -8.49
N VAL B 352 7.84 -31.37 -8.68
CA VAL B 352 8.82 -31.31 -7.55
C VAL B 352 9.78 -30.07 -7.62
N LYS B 353 9.72 -29.20 -6.61
CA LYS B 353 10.60 -28.03 -6.45
C LYS B 353 12.07 -28.47 -6.23
N ARG B 354 12.99 -27.80 -6.91
CA ARG B 354 14.43 -28.10 -6.91
C ARG B 354 14.99 -26.77 -7.22
N PRO B 355 16.23 -26.56 -6.79
CA PRO B 355 17.12 -25.52 -7.27
C PRO B 355 16.99 -25.24 -8.76
N ASP B 356 17.09 -26.28 -9.57
CA ASP B 356 17.17 -26.07 -11.01
C ASP B 356 15.85 -25.63 -11.68
N ASN B 357 14.71 -25.69 -10.97
CA ASN B 357 13.41 -25.16 -11.57
C ASN B 357 12.81 -23.92 -10.83
N THR B 358 13.64 -23.38 -9.95
CA THR B 358 13.18 -22.49 -8.89
C THR B 358 13.89 -21.15 -9.01
N LEU B 359 13.08 -20.12 -9.18
CA LEU B 359 13.63 -18.76 -9.19
C LEU B 359 13.19 -18.08 -7.91
N PRO B 360 14.14 -17.95 -6.96
CA PRO B 360 13.77 -17.16 -5.78
C PRO B 360 14.09 -15.66 -6.05
N VAL B 361 13.05 -14.86 -6.23
CA VAL B 361 13.17 -13.36 -6.24
C VAL B 361 13.33 -12.75 -4.82
N ALA B 362 14.23 -11.80 -4.67
CA ALA B 362 14.56 -11.26 -3.34
C ALA B 362 14.87 -9.76 -3.42
N LEU B 363 14.25 -8.94 -2.58
CA LEU B 363 14.60 -7.52 -2.50
C LEU B 363 15.70 -7.54 -1.49
N ASP B 364 16.89 -7.08 -1.81
CA ASP B 364 17.98 -6.97 -0.82
C ASP B 364 18.26 -5.53 -0.43
N LEU B 365 18.15 -5.25 0.89
CA LEU B 365 18.26 -3.89 1.46
C LEU B 365 19.54 -3.66 2.23
N THR B 366 20.34 -4.71 2.27
CA THR B 366 21.54 -4.72 3.14
C THR B 366 22.64 -3.88 2.55
N GLY B 367 22.51 -3.53 1.27
CA GLY B 367 23.61 -2.88 0.59
C GLY B 367 23.43 -1.43 0.16
N THR B 368 24.05 -1.14 -0.97
CA THR B 368 24.14 0.11 -1.71
C THR B 368 23.77 -0.21 -3.19
N PRO B 369 22.71 0.40 -3.71
CA PRO B 369 21.82 1.29 -2.99
C PRO B 369 20.84 0.57 -2.06
N LEU B 370 19.82 1.33 -1.68
CA LEU B 370 18.81 0.79 -0.78
C LEU B 370 18.09 -0.40 -1.43
N PHE B 371 17.50 -0.13 -2.60
CA PHE B 371 16.65 -1.11 -3.34
C PHE B 371 17.34 -1.88 -4.45
N VAL B 372 17.85 -3.08 -4.11
CA VAL B 372 18.44 -4.09 -5.07
C VAL B 372 17.56 -5.36 -5.13
N TRP B 373 17.16 -5.71 -6.34
CA TRP B 373 16.43 -6.88 -6.62
C TRP B 373 17.35 -7.97 -7.04
N LYS B 374 17.14 -9.17 -6.47
CA LYS B 374 17.98 -10.34 -6.69
C LYS B 374 17.09 -11.50 -7.07
N VAL B 375 17.52 -12.26 -8.07
CA VAL B 375 16.89 -13.53 -8.44
C VAL B 375 17.97 -14.60 -8.31
N ASN B 376 17.67 -15.71 -7.61
CA ASN B 376 18.60 -16.77 -7.27
C ASN B 376 19.90 -16.22 -6.70
N GLY B 377 19.84 -15.34 -5.67
CA GLY B 377 21.10 -14.80 -5.03
C GLY B 377 21.82 -13.63 -5.75
N SER B 378 21.30 -13.21 -6.91
CA SER B 378 22.06 -12.27 -7.75
C SER B 378 21.20 -11.29 -8.55
N ASP B 379 21.61 -10.02 -8.45
CA ASP B 379 21.04 -8.93 -9.22
C ASP B 379 21.62 -8.88 -10.66
N ILE B 380 20.75 -8.92 -11.68
CA ILE B 380 21.44 -9.02 -12.96
C ILE B 380 22.19 -7.75 -13.23
N ASN B 381 23.29 -7.94 -13.97
CA ASN B 381 24.01 -6.85 -14.57
C ASN B 381 24.83 -7.32 -15.73
N VAL B 382 24.36 -6.94 -16.93
CA VAL B 382 24.92 -7.27 -18.22
C VAL B 382 26.02 -6.29 -18.66
N ASP B 383 26.68 -6.64 -19.72
CA ASP B 383 27.88 -5.88 -20.06
C ASP B 383 27.63 -5.44 -21.48
N TRP B 384 27.30 -4.18 -21.65
CA TRP B 384 26.91 -3.68 -22.95
C TRP B 384 27.99 -4.00 -24.03
N GLY B 385 29.25 -4.14 -23.62
CA GLY B 385 30.38 -4.37 -24.52
C GLY B 385 30.82 -5.81 -24.73
N LYS B 386 30.37 -6.73 -23.87
CA LYS B 386 30.40 -8.19 -24.12
C LYS B 386 29.07 -8.91 -23.75
N PRO B 387 28.12 -8.96 -24.76
CA PRO B 387 26.82 -9.65 -24.87
C PRO B 387 26.98 -11.12 -24.88
N ILE B 388 26.02 -11.80 -24.29
CA ILE B 388 26.14 -13.27 -24.12
C ILE B 388 26.41 -13.92 -25.53
N ILE B 389 26.04 -13.22 -26.60
CA ILE B 389 26.21 -13.71 -27.98
C ILE B 389 27.66 -13.64 -28.46
N ASP B 390 28.42 -12.71 -27.88
CA ASP B 390 29.88 -12.68 -28.10
C ASP B 390 30.49 -13.86 -27.43
N TYR B 391 29.97 -14.27 -26.27
CA TYR B 391 30.29 -15.60 -25.65
C TYR B 391 30.00 -16.86 -26.47
N ILE B 392 28.78 -16.96 -27.00
CA ILE B 392 28.36 -18.05 -27.86
C ILE B 392 29.23 -18.06 -29.08
N LEU B 393 29.65 -16.89 -29.58
CA LEU B 393 30.46 -16.78 -30.85
C LEU B 393 32.01 -16.75 -30.61
N THR B 394 32.42 -16.62 -29.37
CA THR B 394 33.82 -16.79 -29.07
C THR B 394 34.02 -18.16 -28.40
N GLY B 395 32.90 -18.91 -28.25
CA GLY B 395 32.92 -20.25 -27.66
C GLY B 395 33.34 -20.05 -26.22
N ASN B 396 33.31 -18.79 -25.80
CA ASN B 396 33.57 -18.55 -24.38
C ASN B 396 32.36 -18.90 -23.57
N THR B 397 32.52 -19.85 -22.64
CA THR B 397 31.38 -20.44 -21.96
C THR B 397 31.52 -20.23 -20.48
N SER B 398 32.29 -19.21 -20.11
CA SER B 398 32.49 -18.85 -18.72
C SER B 398 31.76 -17.52 -18.42
N TYR B 399 30.41 -17.59 -18.44
CA TYR B 399 29.54 -16.44 -18.21
C TYR B 399 29.63 -15.86 -16.76
N PRO B 400 29.83 -14.53 -16.61
CA PRO B 400 29.81 -13.93 -15.26
C PRO B 400 28.54 -14.28 -14.50
N VAL B 401 28.62 -14.29 -13.17
CA VAL B 401 27.48 -14.42 -12.28
C VAL B 401 26.28 -13.50 -12.66
N SER B 402 26.47 -12.22 -12.36
CA SER B 402 25.81 -11.04 -12.96
C SER B 402 24.86 -11.23 -14.12
N ASP B 403 25.23 -12.11 -15.04
CA ASP B 403 24.42 -12.32 -16.24
C ASP B 403 23.26 -13.24 -15.94
N ASN B 404 23.28 -13.78 -14.72
CA ASN B 404 22.17 -14.53 -14.29
C ASN B 404 21.81 -15.56 -15.39
N ILE B 405 22.77 -16.42 -15.74
CA ILE B 405 22.53 -17.42 -16.83
C ILE B 405 21.65 -18.66 -16.44
N VAL B 406 20.63 -18.92 -17.24
CA VAL B 406 19.91 -20.18 -17.05
C VAL B 406 20.00 -21.09 -18.27
N GLN B 407 21.08 -21.86 -18.34
CA GLN B 407 21.26 -22.99 -19.31
C GLN B 407 20.15 -24.07 -19.33
N VAL B 408 19.34 -24.00 -20.39
CA VAL B 408 18.35 -25.00 -20.73
C VAL B 408 18.79 -25.66 -22.04
N ASP B 409 19.43 -26.81 -21.91
CA ASP B 409 19.87 -27.65 -23.02
C ASP B 409 18.79 -28.43 -23.75
N ALA B 410 17.86 -29.04 -23.03
CA ALA B 410 16.77 -29.80 -23.67
C ALA B 410 16.26 -29.21 -24.98
N VAL B 411 16.12 -30.05 -26.00
CA VAL B 411 15.65 -29.66 -27.33
C VAL B 411 14.15 -29.78 -27.33
N ASP B 412 13.40 -28.76 -27.76
CA ASP B 412 11.94 -28.84 -27.92
C ASP B 412 11.08 -29.50 -26.81
N GLN B 413 11.47 -29.29 -25.55
CA GLN B 413 10.73 -29.88 -24.39
C GLN B 413 10.06 -28.82 -23.52
N TRP B 414 9.00 -29.21 -22.79
CA TRP B 414 8.38 -28.32 -21.77
C TRP B 414 9.23 -28.25 -20.54
N THR B 415 9.48 -27.04 -20.05
CA THR B 415 10.31 -26.85 -18.87
C THR B 415 9.40 -26.13 -17.92
N TYR B 416 9.52 -26.42 -16.61
CA TYR B 416 8.70 -25.79 -15.55
C TYR B 416 9.51 -24.92 -14.67
N TRP B 417 8.92 -23.79 -14.32
CA TRP B 417 9.67 -22.71 -13.61
C TRP B 417 8.78 -22.24 -12.44
N LEU B 418 9.26 -22.46 -11.21
CA LEU B 418 8.63 -21.98 -9.95
C LEU B 418 9.22 -20.61 -9.67
N ILE B 419 8.41 -19.56 -9.74
CA ILE B 419 8.98 -18.29 -9.39
C ILE B 419 8.50 -17.87 -8.02
N GLU B 420 9.47 -17.63 -7.15
CA GLU B 420 9.08 -17.22 -5.80
C GLU B 420 9.40 -15.79 -5.53
N ASN B 421 8.41 -15.11 -4.99
CA ASN B 421 8.37 -13.65 -4.67
C ASN B 421 8.74 -13.36 -3.20
N ASP B 422 9.99 -13.60 -2.81
CA ASP B 422 10.43 -13.19 -1.52
C ASP B 422 9.43 -13.54 -0.39
N PRO B 423 9.04 -14.82 -0.25
CA PRO B 423 8.18 -15.14 0.91
C PRO B 423 8.84 -14.85 2.26
N GLU B 424 10.18 -14.88 2.29
CA GLU B 424 10.95 -14.56 3.51
C GLU B 424 11.27 -13.08 3.72
N GLY B 425 11.10 -12.27 2.71
CA GLY B 425 11.67 -10.94 2.78
C GLY B 425 10.92 -10.02 3.72
N PRO B 426 11.33 -8.75 3.76
CA PRO B 426 10.70 -7.78 4.70
C PRO B 426 9.30 -7.40 4.21
N PHE B 427 9.12 -7.42 2.89
CA PHE B 427 7.80 -7.19 2.26
C PHE B 427 7.93 -7.62 0.82
N SER B 428 6.80 -7.67 0.09
CA SER B 428 6.81 -8.17 -1.30
C SER B 428 5.75 -7.42 -2.04
N LEU B 429 6.02 -7.13 -3.31
CA LEU B 429 5.22 -6.37 -4.32
C LEU B 429 4.85 -7.30 -5.49
N PRO B 430 3.77 -7.03 -6.22
CA PRO B 430 3.49 -7.82 -7.41
C PRO B 430 4.53 -7.50 -8.39
N HIS B 431 4.79 -8.43 -9.32
CA HIS B 431 5.70 -8.06 -10.37
C HIS B 431 5.18 -8.53 -11.68
N PRO B 432 5.13 -7.69 -12.75
CA PRO B 432 4.91 -8.19 -14.14
C PRO B 432 6.16 -8.84 -14.66
N MET B 433 6.04 -10.17 -14.73
CA MET B 433 7.00 -11.16 -15.16
C MET B 433 6.82 -11.39 -16.66
N HIS B 434 7.88 -11.17 -17.42
CA HIS B 434 7.84 -11.11 -18.86
C HIS B 434 8.88 -12.03 -19.38
N LEU B 435 8.48 -12.92 -20.28
CA LEU B 435 9.49 -13.85 -20.88
C LEU B 435 9.77 -13.40 -22.32
N HIS B 436 11.08 -13.30 -22.68
CA HIS B 436 11.45 -13.02 -24.08
C HIS B 436 11.50 -14.36 -24.81
N GLY B 437 11.21 -14.37 -26.17
CA GLY B 437 11.43 -15.45 -27.12
C GLY B 437 10.27 -16.40 -27.29
N HIS B 438 9.40 -16.36 -26.29
CA HIS B 438 8.31 -17.29 -26.08
C HIS B 438 7.07 -16.64 -25.49
N ASP B 439 5.99 -17.43 -25.66
CA ASP B 439 4.76 -17.27 -24.82
C ASP B 439 4.89 -18.37 -23.74
N PHE B 440 4.48 -18.09 -22.51
CA PHE B 440 4.42 -19.19 -21.54
C PHE B 440 3.01 -19.69 -21.28
N LEU B 441 2.89 -20.88 -20.67
CA LEU B 441 1.67 -21.36 -19.96
C LEU B 441 1.75 -20.87 -18.58
N VAL B 442 0.60 -20.32 -18.12
CA VAL B 442 0.38 -20.02 -16.71
C VAL B 442 -0.34 -21.16 -16.00
N LEU B 443 0.47 -22.02 -15.36
CA LEU B 443 0.00 -23.31 -14.79
C LEU B 443 -0.68 -22.90 -13.54
N GLY B 444 -0.33 -21.72 -13.07
CA GLY B 444 -0.79 -21.42 -11.72
C GLY B 444 -0.02 -20.42 -10.88
N ARG B 445 -0.66 -20.02 -9.77
CA ARG B 445 -0.13 -19.07 -8.84
C ARG B 445 -0.60 -19.35 -7.40
N SER B 446 0.01 -18.66 -6.44
CA SER B 446 -0.39 -18.72 -5.08
C SER B 446 -1.78 -18.15 -4.92
N PRO B 447 -2.53 -18.59 -3.93
CA PRO B 447 -3.88 -18.02 -4.22
C PRO B 447 -4.12 -16.50 -4.00
N ASP B 448 -5.29 -16.05 -4.47
CA ASP B 448 -5.43 -14.69 -4.80
C ASP B 448 -5.94 -13.88 -3.61
N VAL B 449 -5.03 -13.15 -2.97
CA VAL B 449 -5.37 -12.33 -1.78
C VAL B 449 -5.25 -10.78 -2.07
N PRO B 450 -5.71 -9.88 -1.18
CA PRO B 450 -5.31 -8.49 -1.32
C PRO B 450 -3.81 -8.27 -1.47
N ALA B 451 -3.40 -7.36 -2.41
CA ALA B 451 -1.94 -7.33 -2.77
C ALA B 451 -1.05 -6.86 -1.74
N ALA B 452 -1.57 -6.05 -0.81
CA ALA B 452 -0.84 -5.53 0.37
C ALA B 452 -1.25 -6.28 1.66
N SER B 453 -1.99 -7.41 1.55
CA SER B 453 -2.27 -8.20 2.76
C SER B 453 -1.11 -8.96 3.41
N GLN B 454 0.14 -8.81 2.96
CA GLN B 454 1.31 -9.25 3.76
C GLN B 454 1.36 -10.76 3.91
N GLN B 455 0.62 -11.46 3.08
CA GLN B 455 0.55 -12.91 3.18
C GLN B 455 1.64 -13.51 2.39
N ARG B 456 2.22 -14.55 2.97
CA ARG B 456 3.38 -15.31 2.45
C ARG B 456 2.99 -16.78 2.15
N PHE B 457 3.12 -17.20 0.88
CA PHE B 457 2.83 -18.55 0.43
C PHE B 457 4.02 -19.24 -0.15
N VAL B 458 4.35 -20.41 0.40
CA VAL B 458 5.30 -21.32 -0.29
C VAL B 458 4.65 -22.48 -1.06
N PHE B 459 5.10 -22.75 -2.27
CA PHE B 459 4.40 -23.73 -3.10
C PHE B 459 4.33 -25.00 -2.26
N ASP B 460 3.15 -25.61 -2.18
CA ASP B 460 3.05 -26.86 -1.43
C ASP B 460 2.35 -27.99 -2.26
N PRO B 461 3.11 -28.99 -2.69
CA PRO B 461 2.60 -30.18 -3.47
C PRO B 461 1.28 -30.73 -2.97
N ALA B 462 1.27 -31.10 -1.68
CA ALA B 462 0.09 -31.50 -0.98
C ALA B 462 -1.22 -30.75 -1.30
N VAL B 463 -1.10 -29.41 -1.41
CA VAL B 463 -2.18 -28.46 -1.50
C VAL B 463 -2.27 -27.88 -2.89
N ASP B 464 -1.11 -27.73 -3.55
CA ASP B 464 -1.04 -26.94 -4.83
C ASP B 464 -1.08 -27.68 -6.18
N LEU B 465 -0.70 -28.96 -6.25
CA LEU B 465 -1.01 -29.64 -7.51
C LEU B 465 -2.52 -29.54 -7.95
N ALA B 466 -3.48 -29.46 -7.02
CA ALA B 466 -4.96 -29.33 -7.40
C ALA B 466 -5.28 -27.91 -7.70
N ARG B 467 -4.31 -27.04 -7.63
CA ARG B 467 -4.66 -25.74 -8.07
C ARG B 467 -4.12 -25.45 -9.49
N LEU B 468 -3.31 -26.35 -10.08
CA LEU B 468 -2.63 -26.15 -11.38
C LEU B 468 -3.59 -26.49 -12.46
N ASN B 469 -3.24 -26.14 -13.70
CA ASN B 469 -4.12 -26.37 -14.84
C ASN B 469 -3.30 -26.54 -16.12
N GLY B 470 -3.19 -27.81 -16.52
CA GLY B 470 -2.52 -28.21 -17.76
C GLY B 470 -3.41 -28.25 -18.99
N ASP B 471 -4.68 -28.01 -18.78
CA ASP B 471 -5.69 -28.10 -19.83
C ASP B 471 -5.92 -26.70 -20.45
N ASN B 472 -5.22 -26.41 -21.53
CA ASN B 472 -5.34 -25.08 -22.16
C ASN B 472 -5.45 -23.89 -21.18
N PRO B 473 -4.36 -23.63 -20.38
CA PRO B 473 -4.20 -22.46 -19.48
C PRO B 473 -3.86 -21.11 -20.19
N PRO B 474 -4.02 -19.99 -19.52
CA PRO B 474 -3.63 -18.80 -20.18
C PRO B 474 -2.23 -19.03 -20.74
N ARG B 475 -2.07 -18.65 -22.01
CA ARG B 475 -0.81 -18.57 -22.74
C ARG B 475 -0.54 -17.08 -23.17
N ARG B 476 0.67 -16.60 -22.85
CA ARG B 476 0.95 -15.16 -23.00
C ARG B 476 2.42 -14.85 -22.63
N ASP B 477 2.84 -13.56 -22.62
CA ASP B 477 4.32 -13.28 -22.46
C ASP B 477 4.64 -12.52 -21.17
N THR B 478 3.55 -11.97 -20.63
CA THR B 478 3.52 -11.24 -19.33
C THR B 478 2.39 -11.70 -18.43
N THR B 479 2.69 -11.92 -17.17
CA THR B 479 1.63 -12.30 -16.19
C THR B 479 2.09 -11.90 -14.80
N MET B 480 1.17 -11.76 -13.88
CA MET B 480 1.57 -11.46 -12.48
C MET B 480 2.10 -12.59 -11.56
N LEU B 481 3.26 -12.23 -10.94
CA LEU B 481 3.78 -12.84 -9.79
C LEU B 481 3.11 -12.27 -8.55
N PRO B 482 2.48 -13.13 -7.74
CA PRO B 482 1.82 -12.57 -6.58
C PRO B 482 2.69 -12.12 -5.41
N ALA B 483 2.38 -10.90 -4.88
CA ALA B 483 3.04 -10.29 -3.68
C ALA B 483 3.17 -11.38 -2.66
N GLY B 484 4.28 -11.42 -1.94
CA GLY B 484 4.72 -12.56 -1.09
C GLY B 484 4.41 -13.98 -1.56
N GLY B 485 4.18 -14.21 -2.86
CA GLY B 485 3.62 -15.54 -3.22
C GLY B 485 4.43 -16.29 -4.23
N TRP B 486 3.78 -16.92 -5.20
CA TRP B 486 4.54 -17.69 -6.21
C TRP B 486 3.77 -17.78 -7.50
N LEU B 487 4.50 -18.14 -8.53
CA LEU B 487 3.89 -18.37 -9.85
C LEU B 487 4.54 -19.61 -10.47
N LEU B 488 3.72 -20.44 -11.09
CA LEU B 488 4.31 -21.61 -11.90
C LEU B 488 3.94 -21.53 -13.30
N LEU B 489 4.95 -21.53 -14.16
CA LEU B 489 4.73 -21.44 -15.59
C LEU B 489 5.57 -22.46 -16.34
N ALA B 490 5.29 -22.55 -17.65
CA ALA B 490 6.01 -23.45 -18.57
C ALA B 490 6.17 -22.85 -19.99
N PHE B 491 7.28 -23.19 -20.64
CA PHE B 491 7.46 -22.96 -22.09
C PHE B 491 8.12 -24.17 -22.70
N ARG B 492 7.97 -24.34 -24.02
CA ARG B 492 8.66 -25.42 -24.73
C ARG B 492 10.06 -24.92 -25.16
N THR B 493 11.09 -25.72 -25.28
CA THR B 493 12.36 -25.09 -25.67
C THR B 493 12.54 -25.14 -27.23
N ASP B 494 11.50 -24.71 -27.94
CA ASP B 494 11.51 -24.68 -29.37
C ASP B 494 12.23 -23.49 -30.09
N ASN B 495 13.10 -22.72 -29.40
CA ASN B 495 13.78 -21.50 -29.92
C ASN B 495 15.24 -21.26 -29.32
N PRO B 496 16.29 -21.87 -29.90
CA PRO B 496 17.72 -21.67 -29.35
C PRO B 496 18.03 -20.15 -29.17
N GLY B 497 18.12 -19.71 -27.95
CA GLY B 497 18.40 -18.30 -27.83
C GLY B 497 18.77 -17.94 -26.44
N ALA B 498 19.37 -16.78 -26.32
CA ALA B 498 19.48 -16.10 -25.06
C ALA B 498 18.31 -15.14 -24.92
N TRP B 499 17.48 -15.40 -23.88
CA TRP B 499 16.14 -14.79 -23.65
C TRP B 499 15.94 -14.28 -22.23
N LEU B 500 15.86 -12.98 -22.07
CA LEU B 500 15.66 -12.42 -20.78
C LEU B 500 14.32 -12.89 -20.27
N PHE B 501 14.30 -13.14 -18.95
CA PHE B 501 13.08 -13.37 -18.24
C PHE B 501 13.12 -12.46 -17.05
N HIS B 502 12.29 -11.40 -17.07
CA HIS B 502 12.38 -10.32 -16.09
C HIS B 502 11.10 -9.61 -15.72
N CYS B 503 11.03 -8.94 -14.56
CA CYS B 503 9.84 -8.09 -14.23
C CYS B 503 9.86 -6.88 -15.15
N HIS B 504 8.75 -6.49 -15.77
CA HIS B 504 8.74 -5.36 -16.74
C HIS B 504 8.68 -3.94 -16.12
N ILE B 505 8.71 -3.81 -14.79
CA ILE B 505 8.67 -2.48 -14.19
C ILE B 505 10.15 -2.06 -14.30
N ALA B 506 10.36 -0.89 -14.90
CA ALA B 506 11.55 -0.33 -15.42
C ALA B 506 12.54 -0.23 -14.31
N TRP B 507 12.06 0.41 -13.21
CA TRP B 507 12.71 0.39 -11.89
C TRP B 507 13.25 -0.95 -11.33
N HIS B 508 12.46 -2.02 -11.38
CA HIS B 508 12.89 -3.35 -10.83
C HIS B 508 13.89 -4.09 -11.75
N VAL B 509 13.57 -4.13 -13.07
CA VAL B 509 14.62 -4.62 -14.00
C VAL B 509 15.87 -3.68 -14.01
N SER B 510 15.71 -2.36 -13.81
CA SER B 510 16.91 -1.48 -13.68
C SER B 510 17.72 -1.94 -12.46
N GLY B 511 16.97 -2.44 -11.48
CA GLY B 511 17.42 -2.87 -10.18
C GLY B 511 18.02 -4.27 -10.03
N GLY B 512 17.79 -5.11 -11.04
CA GLY B 512 18.33 -6.43 -10.99
C GLY B 512 17.40 -7.59 -11.30
N LEU B 513 16.09 -7.32 -11.25
CA LEU B 513 15.03 -8.27 -11.47
C LEU B 513 14.94 -8.85 -12.86
N SER B 514 15.93 -9.68 -13.17
CA SER B 514 15.96 -10.47 -14.41
C SER B 514 16.70 -11.80 -14.20
N VAL B 515 16.39 -12.79 -15.05
CA VAL B 515 17.40 -13.76 -15.50
C VAL B 515 17.50 -13.76 -17.03
N ASP B 516 18.49 -14.58 -17.45
CA ASP B 516 18.76 -14.82 -18.87
C ASP B 516 18.68 -16.33 -19.15
N PHE B 517 17.64 -16.77 -19.85
CA PHE B 517 17.64 -18.15 -20.36
C PHE B 517 18.53 -18.48 -21.57
N LEU B 518 19.67 -19.10 -21.29
CA LEU B 518 20.52 -19.53 -22.36
C LEU B 518 19.90 -20.82 -22.86
N GLU B 519 18.95 -20.63 -23.80
CA GLU B 519 18.22 -21.73 -24.33
C GLU B 519 18.97 -22.51 -25.51
N ARG B 520 19.24 -23.79 -25.26
CA ARG B 520 19.92 -24.68 -26.24
C ARG B 520 21.12 -23.96 -26.95
N PRO B 521 22.11 -23.41 -26.18
CA PRO B 521 23.32 -22.67 -26.65
C PRO B 521 24.14 -23.35 -27.78
N ALA B 522 24.25 -24.69 -27.73
CA ALA B 522 24.89 -25.50 -28.77
C ALA B 522 24.18 -25.31 -30.12
N ASP B 523 22.86 -25.47 -30.08
CA ASP B 523 21.92 -25.17 -31.17
C ASP B 523 22.04 -23.75 -31.74
N LEU B 524 22.12 -22.78 -30.82
CA LEU B 524 22.27 -21.35 -31.11
C LEU B 524 23.39 -20.96 -32.08
N ARG B 525 24.65 -21.28 -31.72
CA ARG B 525 25.79 -21.02 -32.61
C ARG B 525 25.72 -21.50 -34.09
N GLN B 526 25.26 -22.73 -34.34
CA GLN B 526 25.00 -23.26 -35.73
C GLN B 526 24.07 -22.41 -36.53
N ARG B 527 23.31 -21.60 -35.82
CA ARG B 527 22.15 -21.01 -36.43
C ARG B 527 22.37 -19.49 -36.63
N ILE B 528 23.33 -18.92 -35.93
CA ILE B 528 23.63 -17.54 -36.24
C ILE B 528 24.20 -17.57 -37.65
N SER B 529 23.67 -16.69 -38.48
CA SER B 529 24.01 -16.54 -39.86
C SER B 529 25.20 -15.62 -39.97
N GLN B 530 25.82 -15.64 -41.15
CA GLN B 530 27.17 -15.02 -41.27
C GLN B 530 26.94 -13.53 -41.10
N GLU B 531 25.77 -13.10 -41.59
CA GLU B 531 25.43 -11.70 -41.71
C GLU B 531 24.92 -11.16 -40.38
N ASP B 532 24.26 -12.05 -39.61
CA ASP B 532 23.92 -11.71 -38.24
C ASP B 532 25.21 -11.54 -37.44
N GLU B 533 26.13 -12.51 -37.59
CA GLU B 533 27.38 -12.51 -36.83
C GLU B 533 28.13 -11.23 -37.09
N ASP B 534 28.47 -10.99 -38.36
CA ASP B 534 29.28 -9.81 -38.77
C ASP B 534 28.61 -8.49 -38.37
N ASP B 535 27.30 -8.41 -38.51
CA ASP B 535 26.62 -7.20 -38.14
C ASP B 535 26.67 -7.00 -36.59
N PHE B 536 26.47 -8.08 -35.83
CA PHE B 536 26.59 -8.05 -34.39
C PHE B 536 27.99 -7.49 -34.05
N ASN B 537 29.03 -8.06 -34.68
CA ASN B 537 30.43 -7.56 -34.48
C ASN B 537 30.71 -6.12 -34.87
N ARG B 538 30.05 -5.63 -35.90
CA ARG B 538 30.27 -4.27 -36.31
C ARG B 538 29.80 -3.38 -35.13
N VAL B 539 28.51 -3.40 -34.85
CA VAL B 539 27.94 -2.63 -33.79
C VAL B 539 28.71 -2.75 -32.47
N CYS B 540 29.19 -3.97 -32.21
CA CYS B 540 29.91 -4.22 -31.00
C CYS B 540 31.21 -3.46 -31.08
N ASP B 541 31.92 -3.61 -32.18
CA ASP B 541 33.04 -2.75 -32.48
C ASP B 541 32.83 -1.23 -32.23
N GLU B 542 31.75 -0.64 -32.78
CA GLU B 542 31.51 0.82 -32.65
C GLU B 542 30.98 1.18 -31.23
N TRP B 543 30.57 0.19 -30.47
CA TRP B 543 30.04 0.50 -29.17
C TRP B 543 31.17 0.46 -28.16
N ARG B 544 32.06 -0.48 -28.40
CA ARG B 544 33.07 -0.70 -27.46
C ARG B 544 33.97 0.46 -27.62
N ALA B 545 34.17 0.88 -28.88
CA ALA B 545 34.91 2.10 -29.22
C ALA B 545 34.24 3.39 -28.76
N TYR B 546 32.91 3.47 -28.78
CA TYR B 546 32.24 4.72 -28.29
C TYR B 546 32.31 4.86 -26.79
N TRP B 547 32.05 3.74 -26.12
CA TRP B 547 31.90 3.70 -24.66
C TRP B 547 32.95 4.48 -23.79
N PRO B 548 34.28 4.37 -24.13
CA PRO B 548 35.25 5.17 -23.27
C PRO B 548 35.07 6.71 -23.33
N THR B 549 34.24 7.18 -24.27
CA THR B 549 34.07 8.60 -24.49
C THR B 549 32.72 8.97 -23.97
N ASN B 550 32.00 7.99 -23.43
CA ASN B 550 30.75 8.32 -22.80
C ASN B 550 30.99 9.21 -21.58
N PRO B 551 30.36 10.40 -21.52
CA PRO B 551 30.53 11.15 -20.26
C PRO B 551 29.79 10.64 -18.93
N TYR B 552 28.66 9.93 -19.00
CA TYR B 552 27.99 9.37 -17.79
C TYR B 552 28.28 7.92 -17.41
N PRO B 553 28.13 7.56 -16.12
CA PRO B 553 28.36 6.13 -15.84
C PRO B 553 27.09 5.28 -16.16
N LYS B 554 27.26 3.99 -16.49
CA LYS B 554 26.21 3.05 -16.34
C LYS B 554 25.89 3.01 -14.86
N ILE B 555 24.61 3.19 -14.46
CA ILE B 555 24.27 3.15 -12.98
C ILE B 555 23.37 2.02 -12.48
N ASP B 556 23.09 1.04 -13.35
CA ASP B 556 21.97 0.17 -13.18
C ASP B 556 22.21 -1.18 -13.91
N SER B 557 21.22 -2.09 -13.95
CA SER B 557 21.47 -3.42 -14.64
C SER B 557 22.05 -3.24 -16.00
N GLY B 558 21.61 -2.28 -16.79
CA GLY B 558 21.99 -2.24 -18.17
C GLY B 558 20.65 -2.35 -18.86
N LEU B 559 19.62 -2.74 -18.11
CA LEU B 559 18.49 -3.35 -18.81
C LEU B 559 17.17 -2.70 -18.52
C1 NAG C . 7.59 -10.43 28.72
C2 NAG C . 9.02 -10.52 28.14
C3 NAG C . 9.18 -11.15 26.76
C4 NAG C . 8.46 -12.52 26.70
C5 NAG C . 7.11 -12.62 27.47
C6 NAG C . 7.05 -13.94 28.28
C7 NAG C . 10.43 -9.09 29.49
C8 NAG C . 11.66 -8.24 29.54
N2 NAG C . 9.81 -9.28 28.30
O3 NAG C . 10.58 -11.44 26.58
O4 NAG C . 8.26 -12.89 25.34
O5 NAG C . 6.75 -11.55 28.41
O6 NAG C . 6.65 -15.04 27.58
O7 NAG C . 10.09 -9.62 30.58
C1 NAG C . 9.16 -14.00 25.03
C2 NAG C . 8.73 -14.81 23.79
C3 NAG C . 9.75 -15.92 23.47
C4 NAG C . 11.18 -15.37 23.41
C5 NAG C . 11.38 -14.71 24.79
C6 NAG C . 12.77 -14.22 25.13
C7 NAG C . 6.28 -14.87 23.65
C8 NAG C . 5.06 -15.77 23.84
N2 NAG C . 7.43 -15.48 23.85
O3 NAG C . 9.41 -16.28 22.19
O4 NAG C . 12.15 -16.37 22.97
O5 NAG C . 10.52 -13.58 24.84
O6 NAG C . 13.11 -13.21 24.21
O7 NAG C . 6.19 -13.66 23.38
C1 NAG D . -20.98 -6.25 6.69
C2 NAG D . -20.37 -6.01 5.32
C3 NAG D . -20.93 -7.19 4.51
C4 NAG D . -20.70 -8.55 5.16
C5 NAG D . -21.23 -8.49 6.58
C6 NAG D . -21.17 -9.83 7.35
C7 NAG D . -19.93 -4.09 3.86
C8 NAG D . -20.20 -2.75 3.19
N2 NAG D . -20.85 -4.98 4.30
O3 NAG D . -20.56 -7.28 3.14
O4 NAG D . -21.47 -9.51 4.41
O5 NAG D . -20.52 -7.44 7.21
O6 NAG D . -19.81 -10.03 7.71
O7 NAG D . -18.74 -4.35 4.07
C1 NAG D . -20.66 -10.41 3.63
C2 NAG D . -21.32 -11.73 3.61
C3 NAG D . -20.63 -12.65 2.58
C4 NAG D . -20.45 -11.97 1.23
C5 NAG D . -19.71 -10.67 1.53
C6 NAG D . -19.37 -9.70 0.38
C7 NAG D . -22.72 -12.37 5.32
C8 NAG D . -22.85 -13.21 6.56
N2 NAG D . -21.46 -12.26 4.91
O3 NAG D . -21.39 -13.81 2.42
O4 NAG D . -19.76 -12.84 0.36
O5 NAG D . -20.69 -10.02 2.30
O6 NAG D . -20.10 -9.99 -0.80
O7 NAG D . -23.72 -11.84 4.70
C1 NAG E . 21.53 8.45 -21.19
C2 NAG E . 22.69 8.49 -20.15
C3 NAG E . 22.35 9.23 -18.87
C4 NAG E . 21.93 10.65 -19.30
C5 NAG E . 20.93 10.68 -20.48
C6 NAG E . 20.98 11.98 -21.27
C7 NAG E . 24.28 6.62 -20.35
C8 NAG E . 24.55 5.27 -19.77
N2 NAG E . 23.24 7.20 -19.77
O3 NAG E . 23.52 9.18 -18.01
O4 NAG E . 21.21 11.21 -18.21
O5 NAG E . 21.16 9.78 -21.54
O6 NAG E . 20.93 13.07 -20.44
O7 NAG E . 24.97 7.11 -21.29
C1 NAG E . 21.87 12.10 -17.35
C2 NAG E . 20.87 12.84 -16.51
C3 NAG E . 21.70 13.89 -15.77
C4 NAG E . 22.86 13.26 -14.97
C5 NAG E . 23.66 12.34 -15.85
C6 NAG E . 24.79 11.55 -15.17
C7 NAG E . 18.56 13.06 -17.27
C8 NAG E . 17.50 14.06 -17.70
N2 NAG E . 19.82 13.52 -17.28
O3 NAG E . 20.94 14.62 -14.84
O4 NAG E . 23.63 14.31 -14.48
O5 NAG E . 22.77 11.44 -16.45
O6 NAG E . 24.28 10.83 -14.05
O7 NAG E . 18.28 11.91 -16.95
C1 NAG F . -14.17 8.10 -15.27
C2 NAG F . -14.37 8.05 -13.77
C3 NAG F . -14.97 9.35 -13.47
C4 NAG F . -14.21 10.58 -13.98
C5 NAG F . -14.03 10.54 -15.49
C6 NAG F . -12.90 11.31 -16.22
C7 NAG F . -15.52 5.82 -13.08
C8 NAG F . -16.32 5.00 -14.04
N2 NAG F . -15.44 7.15 -13.29
O3 NAG F . -15.25 9.30 -12.09
O4 NAG F . -15.31 11.40 -13.79
O5 NAG F . -13.60 9.28 -15.72
O6 NAG F . -12.27 12.33 -15.46
O7 NAG F . -15.05 5.15 -12.15
C1 NAG F . -15.22 12.67 -13.12
C2 NAG F . -14.93 12.81 -11.65
C3 NAG F . -15.44 14.24 -11.35
C4 NAG F . -15.33 15.26 -12.50
C5 NAG F . -15.51 14.61 -13.88
C6 NAG F . -15.24 15.32 -15.20
C7 NAG F . -15.99 11.46 -9.84
C8 NAG F . -16.22 12.52 -8.78
N2 NAG F . -15.78 11.79 -11.15
O3 NAG F . -14.94 14.82 -10.18
O4 NAG F . -16.41 16.11 -12.22
O5 NAG F . -14.57 13.63 -13.87
O6 NAG F . -16.53 15.06 -15.72
O7 NAG F . -16.01 10.27 -9.48
CU CU G . 3.40 5.15 13.54
CU CU H . 1.48 6.39 25.40
CU CU I . -2.94 4.72 24.64
CU CU J . -2.07 8.20 26.37
CL CL K . -3.13 10.80 27.30
C1 NAG L . -4.93 -12.77 41.43
C2 NAG L . -5.07 -12.74 42.96
C3 NAG L . -4.86 -14.11 43.63
C4 NAG L . -5.61 -15.22 42.85
C5 NAG L . -5.36 -15.08 41.36
C6 NAG L . -6.13 -16.11 40.52
C7 NAG L . -4.53 -10.75 44.27
C8 NAG L . -3.57 -10.26 45.35
N2 NAG L . -4.17 -11.72 43.44
O3 NAG L . -5.14 -14.11 45.04
O4 NAG L . -5.21 -16.52 43.23
O5 NAG L . -5.77 -13.77 40.99
O6 NAG L . -5.34 -16.65 39.48
O7 NAG L . -5.64 -10.25 44.18
C1 NAG M . -29.32 -10.62 19.31
C2 NAG M . -29.86 -11.84 18.53
C3 NAG M . -31.38 -11.91 18.58
C4 NAG M . -32.08 -11.29 19.83
C5 NAG M . -31.33 -10.18 20.51
C6 NAG M . -31.94 -9.72 21.87
C7 NAG M . -28.25 -12.20 16.58
C8 NAG M . -27.42 -11.03 16.17
N2 NAG M . -29.49 -11.94 17.10
O3 NAG M . -31.66 -13.26 18.53
O4 NAG M . -33.26 -10.71 19.36
O5 NAG M . -29.93 -10.49 20.58
O6 NAG M . -31.77 -10.64 22.92
O7 NAG M . -27.72 -13.32 16.37
C1 NAG N . 16.12 18.85 17.43
C2 NAG N . 15.60 19.81 18.50
C3 NAG N . 16.38 21.14 18.32
C4 NAG N . 17.88 20.91 18.52
C5 NAG N . 18.15 19.91 17.39
C6 NAG N . 19.59 19.69 16.94
C7 NAG N . 13.18 19.55 19.09
C8 NAG N . 11.79 19.85 18.53
N2 NAG N . 14.18 20.02 18.33
O3 NAG N . 15.84 22.17 19.12
O4 NAG N . 18.66 22.08 18.34
O5 NAG N . 17.51 18.69 17.72
O6 NAG N . 20.20 18.89 17.91
O7 NAG N . 13.30 18.92 20.19
S SO4 O . -10.21 21.20 42.67
O1 SO4 O . -10.96 21.49 41.44
O2 SO4 O . -8.74 21.10 42.52
O3 SO4 O . -10.74 20.00 43.28
O4 SO4 O . -10.50 22.27 43.63
O1 KIB P . 4.33 0.00 9.48
C1 KIB P . 4.81 -0.33 8.36
C6 KIB P . 3.86 -0.49 7.27
O3 KIB P . 2.52 -0.25 7.56
C7 KIB P . 1.50 -0.22 6.55
C5 KIB P . 4.39 -0.85 6.01
C2 KIB P . 6.27 -0.56 8.10
O4 KIB P . 7.14 -0.42 9.13
C8 KIB P . 8.56 -0.41 8.94
C3 KIB P . 6.70 -0.94 6.83
C4 KIB P . 5.76 -1.06 5.80
O2 KIB P . 6.19 -1.38 4.64
CU CU Q . 9.02 -5.95 -10.32
CU CU R . 12.76 -7.43 -21.76
CU CU S . 8.68 -5.09 -23.19
CU CU T . 10.00 -8.77 -24.36
CL CL U . 9.06 -10.66 -26.12
C1 NAG V . 17.09 11.95 -38.55
C2 NAG V . 17.58 12.05 -39.97
C3 NAG V . 18.21 13.40 -40.26
C4 NAG V . 17.29 14.47 -39.88
C5 NAG V . 16.98 14.25 -38.42
C6 NAG V . 16.20 15.41 -37.85
C7 NAG V . 18.60 10.03 -40.73
C8 NAG V . 19.89 9.35 -40.97
N2 NAG V . 18.69 11.14 -40.03
O3 NAG V . 18.48 13.67 -41.62
O4 NAG V . 18.25 15.51 -40.07
O5 NAG V . 16.26 13.03 -38.23
O6 NAG V . 15.97 15.00 -36.53
O7 NAG V . 17.56 9.55 -41.17
C1 NAG W . -14.87 13.61 -30.47
C2 NAG W . -15.48 14.98 -30.26
C3 NAG W . -16.92 14.94 -30.79
C4 NAG W . -16.97 14.51 -32.25
C5 NAG W . -16.23 13.22 -32.41
C6 NAG W . -16.15 12.72 -33.84
C7 NAG W . -14.59 16.12 -28.24
C8 NAG W . -14.85 16.46 -26.79
N2 NAG W . -15.52 15.35 -28.87
O3 NAG W . -17.50 16.20 -30.63
O4 NAG W . -18.30 14.22 -32.60
O5 NAG W . -14.93 13.39 -31.89
O6 NAG W . -15.38 13.59 -34.64
O7 NAG W . -13.55 16.57 -28.77
C1 NAG X . 19.87 -21.28 -8.30
C2 NAG X . 19.73 -22.19 -9.54
C3 NAG X . 20.32 -23.59 -9.39
C4 NAG X . 21.69 -23.48 -8.71
C5 NAG X . 21.81 -22.47 -7.57
C6 NAG X . 23.27 -22.21 -7.26
C7 NAG X . 18.09 -21.79 -11.20
C8 NAG X . 16.81 -22.05 -11.94
N2 NAG X . 18.33 -22.29 -9.99
O3 NAG X . 20.42 -24.31 -10.67
O4 NAG X . 22.00 -24.77 -8.16
O5 NAG X . 21.21 -21.20 -7.81
O6 NAG X . 23.33 -22.12 -5.86
O7 NAG X . 18.95 -21.11 -11.72
C1 NAG Y . -4.97 6.94 -32.05
C2 NAG Y . -6.47 7.02 -32.42
C3 NAG Y . -6.54 7.23 -33.94
C4 NAG Y . -5.76 8.49 -34.39
C5 NAG Y . -4.37 8.47 -33.71
C6 NAG Y . -3.45 9.64 -34.07
C7 NAG Y . -8.27 5.77 -31.49
C8 NAG Y . -8.79 4.41 -31.12
N2 NAG Y . -7.06 5.76 -32.00
O3 NAG Y . -7.85 7.16 -34.52
O4 NAG Y . -5.68 8.54 -35.81
O5 NAG Y . -4.49 8.26 -32.28
O6 NAG Y . -2.13 9.11 -34.23
O7 NAG Y . -8.93 6.82 -31.34
S SO4 Z . 8.97 -21.13 -42.92
O1 SO4 Z . 10.13 -21.17 -42.02
O2 SO4 Z . 8.59 -22.45 -43.45
O3 SO4 Z . 9.51 -20.28 -43.99
O4 SO4 Z . 7.74 -20.52 -42.44
O1 KIB AA . 8.28 -0.74 -5.98
C1 KIB AA . 8.08 -0.36 -4.72
C6 KIB AA . 9.21 -0.24 -3.71
O3 KIB AA . 10.45 -0.53 -4.20
C7 KIB AA . 10.68 -0.73 -5.60
C5 KIB AA . 9.00 0.16 -2.38
C2 KIB AA . 6.70 -0.07 -4.28
O4 KIB AA . 5.65 -0.20 -5.24
C8 KIB AA . 4.29 0.03 -4.82
C3 KIB AA . 6.55 0.32 -2.95
C4 KIB AA . 7.63 0.44 -2.01
O2 KIB AA . 7.31 0.84 -0.81
#